data_2YFQ
#
_entry.id   2YFQ
#
_cell.length_a   153.314
_cell.length_b   153.314
_cell.length_c   318.993
_cell.angle_alpha   90.00
_cell.angle_beta   90.00
_cell.angle_gamma   120.00
#
_symmetry.space_group_name_H-M   'H 3 2'
#
loop_
_entity.id
_entity.type
_entity.pdbx_description
1 polymer 'NAD-SPECIFIC GLUTAMATE DEHYDROGENASE'
2 non-polymer 'SULFATE ION'
3 water water
#
_entity_poly.entity_id   1
_entity_poly.type   'polypeptide(L)'
_entity_poly.pdbx_seq_one_letter_code
;MTDTLNPLVAAQEKVRIACEKLGCDPAVYELLKEPQRVIEISIPVKMDDGTVKVFKGWRSAHSSAVGPSKGGVRFHPNVN
MDEVKALSLWMTFKGGALGLPYGGGKGGICVDPAELSERELEQLSRGWVRGLYKYLGDRIDIPAPDVNTNGQIMSWFVDE
YVKLNGERMDIGTFTGKPVAFGGSEGRNEATGFGVAVVVRESAKRFGIKMEDAKIAVQGFGNVGTFTVKNIERQGGKVCA
IAEWDRNEGNYALYNENGIDFKELLAYKEANKTLIGFPGAERITDEEFWTKEYDIIVPAALENVITGERAKTINAKLVCE
AANGPTTPEGDKVLTERGINLTPDILTNSGGVLVSYYEWVQNQYGYYWTEAEVEEKQEADMMKAIKGVFAVADEYNVTLR
EAVYMYAIKSIDVAMKLRGWY
;
_entity_poly.pdbx_strand_id   A,B
#
loop_
_chem_comp.id
_chem_comp.type
_chem_comp.name
_chem_comp.formula
SO4 non-polymer 'SULFATE ION' 'O4 S -2'
#
# COMPACT_ATOMS: atom_id res chain seq x y z
N ASN A 6 4.96 -14.63 4.91
CA ASN A 6 5.32 -16.06 4.68
C ASN A 6 5.28 -16.47 3.21
N PRO A 7 4.14 -16.21 2.51
CA PRO A 7 3.93 -16.94 1.25
C PRO A 7 4.82 -16.40 0.16
N LEU A 8 5.54 -15.34 0.51
CA LEU A 8 6.36 -14.57 -0.41
C LEU A 8 7.70 -15.27 -0.65
N VAL A 9 8.25 -15.89 0.40
CA VAL A 9 9.56 -16.54 0.29
C VAL A 9 9.52 -17.57 -0.82
N ALA A 10 8.50 -18.42 -0.82
CA ALA A 10 8.34 -19.46 -1.84
C ALA A 10 8.54 -18.92 -3.25
N ALA A 11 7.82 -17.87 -3.60
CA ALA A 11 7.94 -17.26 -4.93
C ALA A 11 9.28 -16.55 -5.15
N GLN A 12 9.84 -15.95 -4.09
CA GLN A 12 11.14 -15.29 -4.23
C GLN A 12 12.16 -16.36 -4.57
N GLU A 13 11.95 -17.53 -3.99
CA GLU A 13 12.82 -18.67 -4.16
C GLU A 13 12.83 -19.10 -5.62
N LYS A 14 11.65 -19.15 -6.23
CA LYS A 14 11.59 -19.58 -7.62
C LYS A 14 12.47 -18.68 -8.47
N VAL A 15 12.35 -17.36 -8.24
CA VAL A 15 13.17 -16.36 -8.93
C VAL A 15 14.67 -16.59 -8.74
N ARG A 16 15.13 -16.61 -7.48
CA ARG A 16 16.56 -16.73 -7.23
C ARG A 16 17.17 -18.08 -7.63
N ILE A 17 16.37 -19.15 -7.61
CA ILE A 17 16.84 -20.43 -8.16
C ILE A 17 16.96 -20.23 -9.67
N ALA A 18 15.90 -19.69 -10.28
CA ALA A 18 15.89 -19.49 -11.73
C ALA A 18 17.06 -18.63 -12.16
N CYS A 19 17.17 -17.44 -11.57
CA CYS A 19 18.27 -16.49 -11.82
C CYS A 19 19.64 -17.13 -11.60
N GLU A 20 19.71 -18.06 -10.65
CA GLU A 20 20.95 -18.75 -10.30
C GLU A 20 21.43 -19.70 -11.41
N LYS A 21 20.49 -20.39 -12.07
CA LYS A 21 20.85 -21.33 -13.14
C LYS A 21 20.94 -20.62 -14.50
N LEU A 22 20.22 -19.51 -14.63
CA LEU A 22 20.34 -18.67 -15.82
C LEU A 22 21.67 -17.93 -15.87
N GLY A 23 22.18 -17.56 -14.70
CA GLY A 23 23.41 -16.77 -14.61
C GLY A 23 23.16 -15.28 -14.85
N CYS A 24 21.93 -14.83 -14.69
CA CYS A 24 21.65 -13.43 -14.91
C CYS A 24 22.25 -12.56 -13.81
N ASP A 25 22.23 -11.25 -14.09
CA ASP A 25 22.76 -10.21 -13.22
C ASP A 25 22.06 -10.18 -11.86
N PRO A 26 22.78 -9.83 -10.78
CA PRO A 26 22.13 -9.75 -9.45
C PRO A 26 20.96 -8.77 -9.37
N ALA A 27 20.97 -7.71 -10.18
CA ALA A 27 19.87 -6.75 -10.20
C ALA A 27 18.54 -7.44 -10.51
N VAL A 28 18.57 -8.45 -11.40
CA VAL A 28 17.37 -9.16 -11.80
C VAL A 28 16.59 -9.64 -10.59
N TYR A 29 17.30 -10.26 -9.65
CA TYR A 29 16.63 -10.76 -8.48
C TYR A 29 16.18 -9.60 -7.62
N GLU A 30 17.03 -8.58 -7.52
CA GLU A 30 16.77 -7.43 -6.67
C GLU A 30 15.50 -6.71 -7.11
N LEU A 31 15.36 -6.54 -8.42
CA LEU A 31 14.22 -5.87 -9.01
C LEU A 31 12.95 -6.70 -8.94
N LEU A 32 13.10 -8.01 -9.05
CA LEU A 32 11.98 -8.97 -9.07
C LEU A 32 11.59 -9.43 -7.66
N LYS A 33 12.52 -9.27 -6.73
CA LYS A 33 12.33 -9.55 -5.31
C LYS A 33 10.93 -9.17 -4.81
N GLU A 34 10.42 -8.00 -5.25
CA GLU A 34 9.17 -7.43 -4.73
C GLU A 34 8.36 -6.56 -5.68
N PRO A 35 7.04 -6.44 -5.41
CA PRO A 35 6.14 -5.67 -6.28
C PRO A 35 6.59 -4.24 -6.48
N GLN A 36 6.37 -3.73 -7.67
CA GLN A 36 6.68 -2.37 -8.02
C GLN A 36 5.77 -1.43 -7.29
N ARG A 37 4.57 -1.87 -6.96
CA ARG A 37 3.57 -1.00 -6.32
C ARG A 37 2.51 -1.84 -5.62
N VAL A 38 2.19 -1.51 -4.38
CA VAL A 38 1.03 -2.12 -3.73
C VAL A 38 0.21 -1.05 -3.04
N ILE A 39 -1.08 -1.00 -3.36
CA ILE A 39 -2.00 -0.07 -2.71
C ILE A 39 -2.89 -0.82 -1.73
N GLU A 40 -2.99 -0.32 -0.50
CA GLU A 40 -3.89 -0.88 0.50
C GLU A 40 -4.96 0.14 0.84
N ILE A 41 -6.24 -0.20 0.66
CA ILE A 41 -7.32 0.76 0.92
C ILE A 41 -8.37 0.30 1.95
N SER A 42 -9.09 1.25 2.52
CA SER A 42 -10.14 0.98 3.48
C SER A 42 -11.44 1.29 2.79
N ILE A 43 -12.21 0.26 2.51
CA ILE A 43 -13.44 0.40 1.75
C ILE A 43 -14.64 0.42 2.69
N PRO A 44 -15.23 1.60 2.91
CA PRO A 44 -16.42 1.62 3.78
C PRO A 44 -17.66 1.09 3.05
N VAL A 45 -18.43 0.25 3.72
CA VAL A 45 -19.73 -0.17 3.19
C VAL A 45 -20.85 0.23 4.14
N LYS A 46 -21.81 0.99 3.62
CA LYS A 46 -23.02 1.29 4.34
C LYS A 46 -23.88 0.04 4.26
N MET A 47 -23.92 -0.72 5.35
CA MET A 47 -24.54 -2.02 5.35
C MET A 47 -26.06 -1.87 5.36
N ASP A 48 -26.78 -2.95 5.01
CA ASP A 48 -28.25 -2.88 4.83
C ASP A 48 -29.01 -2.42 6.06
N ASP A 49 -28.60 -2.86 7.25
CA ASP A 49 -29.18 -2.38 8.50
C ASP A 49 -28.85 -0.89 8.80
N GLY A 50 -28.08 -0.25 7.93
CA GLY A 50 -27.64 1.14 8.12
C GLY A 50 -26.53 1.21 9.15
N THR A 51 -25.32 0.89 8.72
CA THR A 51 -24.18 0.68 9.58
C THR A 51 -23.00 0.86 8.65
N VAL A 52 -21.81 0.94 9.22
CA VAL A 52 -20.62 1.03 8.42
C VAL A 52 -19.68 -0.05 8.92
N LYS A 53 -19.20 -0.84 7.97
CA LYS A 53 -18.10 -1.72 8.21
C LYS A 53 -17.07 -1.44 7.14
N VAL A 54 -15.82 -1.30 7.53
CA VAL A 54 -14.76 -1.00 6.57
C VAL A 54 -13.94 -2.25 6.33
N PHE A 55 -13.81 -2.60 5.05
CA PHE A 55 -13.06 -3.77 4.62
C PHE A 55 -11.74 -3.35 3.98
N LYS A 56 -10.68 -4.08 4.29
CA LYS A 56 -9.37 -3.83 3.69
C LYS A 56 -9.30 -4.48 2.33
N GLY A 57 -8.65 -3.79 1.40
CA GLY A 57 -8.48 -4.26 0.04
C GLY A 57 -7.10 -3.93 -0.46
N TRP A 58 -6.65 -4.70 -1.46
CA TRP A 58 -5.31 -4.50 -2.02
C TRP A 58 -5.30 -4.66 -3.52
N ARG A 59 -4.36 -3.96 -4.16
CA ARG A 59 -3.89 -4.33 -5.50
C ARG A 59 -2.41 -4.21 -5.52
N SER A 60 -1.76 -5.27 -5.99
CA SER A 60 -0.32 -5.32 -6.05
C SER A 60 0.11 -5.51 -7.47
N ALA A 61 0.75 -4.50 -8.04
CA ALA A 61 1.36 -4.62 -9.36
C ALA A 61 2.77 -5.18 -9.16
N HIS A 62 3.00 -6.41 -9.56
CA HIS A 62 4.33 -6.96 -9.31
C HIS A 62 5.33 -6.43 -10.32
N SER A 63 4.95 -6.50 -11.58
CA SER A 63 5.82 -6.12 -12.67
C SER A 63 5.06 -5.54 -13.84
N SER A 64 5.63 -4.51 -14.46
CA SER A 64 5.16 -4.10 -15.75
C SER A 64 6.29 -4.08 -16.79
N ALA A 65 7.39 -4.73 -16.47
CA ALA A 65 8.57 -4.76 -17.34
C ALA A 65 8.21 -5.05 -18.77
N VAL A 66 7.50 -6.15 -18.97
CA VAL A 66 7.22 -6.67 -20.28
C VAL A 66 5.98 -6.03 -20.91
N GLY A 67 5.03 -5.62 -20.07
CA GLY A 67 3.73 -5.08 -20.51
C GLY A 67 2.95 -4.54 -19.32
N PRO A 68 1.66 -4.22 -19.52
CA PRO A 68 0.83 -3.82 -18.38
C PRO A 68 0.60 -4.96 -17.39
N SER A 69 0.19 -4.65 -16.18
CA SER A 69 0.03 -5.70 -15.18
C SER A 69 -1.30 -6.38 -15.32
N LYS A 70 -1.33 -7.67 -14.93
CA LYS A 70 -2.54 -8.45 -15.01
C LYS A 70 -2.56 -9.56 -14.02
N GLY A 71 -3.71 -9.72 -13.34
CA GLY A 71 -4.02 -10.87 -12.48
C GLY A 71 -5.33 -10.66 -11.73
N GLY A 72 -5.82 -11.68 -11.04
CA GLY A 72 -7.14 -11.64 -10.42
C GLY A 72 -7.36 -11.01 -9.06
N VAL A 73 -8.63 -10.94 -8.66
CA VAL A 73 -9.01 -10.39 -7.37
C VAL A 73 -9.69 -11.45 -6.50
N ARG A 74 -9.23 -11.53 -5.24
CA ARG A 74 -9.67 -12.53 -4.30
C ARG A 74 -10.56 -11.95 -3.20
N PHE A 75 -11.69 -12.59 -2.97
CA PHE A 75 -12.54 -12.23 -1.85
C PHE A 75 -12.50 -13.39 -0.86
N HIS A 76 -11.40 -13.50 -0.12
CA HIS A 76 -11.22 -14.56 0.87
C HIS A 76 -11.01 -13.91 2.24
N PRO A 77 -11.29 -14.62 3.34
CA PRO A 77 -10.92 -13.97 4.60
C PRO A 77 -9.43 -14.11 4.94
N ASN A 78 -8.70 -14.87 4.13
CA ASN A 78 -7.28 -15.19 4.42
C ASN A 78 -6.36 -14.21 3.74
N VAL A 79 -6.88 -13.51 2.73
CA VAL A 79 -6.10 -12.52 1.99
C VAL A 79 -5.60 -11.40 2.90
N ASN A 80 -4.32 -11.11 2.71
CA ASN A 80 -3.62 -10.04 3.40
C ASN A 80 -2.55 -9.52 2.44
N MET A 81 -1.82 -8.48 2.84
CA MET A 81 -0.79 -7.93 1.95
C MET A 81 0.21 -8.98 1.44
N ASP A 82 0.65 -9.88 2.31
CA ASP A 82 1.67 -10.84 1.91
C ASP A 82 1.10 -11.83 0.88
N GLU A 83 -0.16 -12.24 1.05
CA GLU A 83 -0.85 -13.10 0.06
C GLU A 83 -0.77 -12.47 -1.33
N VAL A 84 -1.32 -11.26 -1.43
CA VAL A 84 -1.40 -10.57 -2.69
C VAL A 84 -0.01 -10.31 -3.29
N LYS A 85 0.96 -9.91 -2.46
CA LYS A 85 2.35 -9.73 -2.94
C LYS A 85 2.85 -11.05 -3.58
N ALA A 86 2.79 -12.12 -2.81
CA ALA A 86 3.20 -13.43 -3.31
C ALA A 86 2.45 -13.86 -4.58
N LEU A 87 1.14 -13.69 -4.57
CA LEU A 87 0.29 -14.17 -5.65
C LEU A 87 0.57 -13.44 -6.95
N SER A 88 0.86 -12.13 -6.83
CA SER A 88 1.16 -11.29 -8.02
C SER A 88 2.52 -11.64 -8.58
N LEU A 89 3.45 -12.04 -7.71
CA LEU A 89 4.72 -12.54 -8.19
C LEU A 89 4.50 -13.82 -9.01
N TRP A 90 3.74 -14.78 -8.45
CA TRP A 90 3.34 -15.97 -9.19
C TRP A 90 2.74 -15.60 -10.54
N MET A 91 1.93 -14.54 -10.60
CA MET A 91 1.34 -14.09 -11.87
C MET A 91 2.38 -13.74 -12.92
N THR A 92 3.38 -12.96 -12.54
CA THR A 92 4.46 -12.61 -13.46
C THR A 92 5.05 -13.87 -14.11
N PHE A 93 5.22 -14.95 -13.33
CA PHE A 93 5.59 -16.25 -13.89
C PHE A 93 4.50 -16.73 -14.84
N LYS A 94 3.28 -16.94 -14.32
CA LYS A 94 2.18 -17.46 -15.12
C LYS A 94 2.17 -16.81 -16.51
N GLY A 95 2.28 -15.48 -16.53
CA GLY A 95 2.27 -14.69 -17.77
C GLY A 95 3.46 -14.97 -18.67
N GLY A 96 4.66 -14.67 -18.18
CA GLY A 96 5.86 -14.80 -18.99
C GLY A 96 6.03 -16.22 -19.54
N ALA A 97 5.50 -17.19 -18.81
CA ALA A 97 5.58 -18.57 -19.23
C ALA A 97 5.00 -18.67 -20.63
N LEU A 98 3.90 -17.93 -20.85
CA LEU A 98 3.22 -17.91 -22.15
C LEU A 98 3.89 -16.94 -23.12
N GLY A 99 4.60 -15.97 -22.55
CA GLY A 99 5.31 -14.97 -23.33
C GLY A 99 4.33 -13.90 -23.76
N LEU A 100 3.42 -13.56 -22.84
CA LEU A 100 2.36 -12.59 -23.06
C LEU A 100 2.90 -11.23 -22.75
N PRO A 101 2.36 -10.19 -23.41
CA PRO A 101 2.88 -8.86 -23.15
C PRO A 101 2.22 -8.31 -21.90
N TYR A 102 2.42 -9.01 -20.79
CA TYR A 102 2.02 -8.48 -19.49
C TYR A 102 3.13 -8.64 -18.47
N GLY A 103 2.79 -8.24 -17.24
CA GLY A 103 3.54 -8.52 -16.05
C GLY A 103 2.52 -8.93 -15.02
N GLY A 104 2.97 -9.38 -13.85
CA GLY A 104 2.05 -9.89 -12.85
C GLY A 104 1.38 -8.78 -12.07
N GLY A 105 0.10 -8.97 -11.79
CA GLY A 105 -0.65 -8.12 -10.88
C GLY A 105 -1.62 -9.01 -10.12
N LYS A 106 -2.13 -8.52 -9.00
CA LYS A 106 -3.19 -9.21 -8.24
C LYS A 106 -3.79 -8.30 -7.19
N GLY A 107 -4.99 -8.65 -6.73
CA GLY A 107 -5.68 -7.86 -5.72
C GLY A 107 -6.48 -8.77 -4.85
N GLY A 108 -7.20 -8.19 -3.90
CA GLY A 108 -8.08 -8.94 -3.02
C GLY A 108 -8.79 -8.03 -2.05
N ILE A 109 -9.76 -8.58 -1.34
CA ILE A 109 -10.43 -7.89 -0.26
C ILE A 109 -10.56 -8.95 0.83
N CYS A 110 -10.10 -8.63 2.04
CA CYS A 110 -10.29 -9.47 3.20
C CYS A 110 -11.74 -9.35 3.61
N VAL A 111 -12.54 -10.30 3.13
CA VAL A 111 -13.97 -10.34 3.40
C VAL A 111 -14.40 -11.80 3.42
N ASP A 112 -15.50 -12.09 4.12
CA ASP A 112 -16.21 -13.34 3.87
C ASP A 112 -17.48 -13.01 3.09
N PRO A 113 -17.41 -13.07 1.74
CA PRO A 113 -18.55 -12.62 0.94
C PRO A 113 -19.84 -13.36 1.31
N ALA A 114 -19.69 -14.55 1.91
CA ALA A 114 -20.83 -15.28 2.43
C ALA A 114 -21.64 -14.45 3.44
N GLU A 115 -20.96 -13.71 4.31
CA GLU A 115 -21.61 -12.80 5.26
C GLU A 115 -22.33 -11.60 4.60
N LEU A 116 -22.12 -11.37 3.30
CA LEU A 116 -22.67 -10.16 2.66
C LEU A 116 -23.94 -10.32 1.81
N SER A 117 -24.81 -9.33 1.91
CA SER A 117 -25.97 -9.17 1.03
C SER A 117 -25.44 -8.81 -0.35
N GLU A 118 -26.24 -9.07 -1.38
CA GLU A 118 -25.76 -8.80 -2.72
C GLU A 118 -25.75 -7.32 -3.12
N ARG A 119 -26.48 -6.46 -2.41
CA ARG A 119 -26.24 -5.02 -2.65
C ARG A 119 -25.00 -4.57 -1.89
N GLU A 120 -24.78 -5.20 -0.73
CA GLU A 120 -23.58 -4.98 0.06
C GLU A 120 -22.34 -5.39 -0.71
N LEU A 121 -22.40 -6.57 -1.31
CA LEU A 121 -21.33 -7.08 -2.15
C LEU A 121 -21.02 -6.16 -3.32
N GLU A 122 -22.05 -5.60 -3.96
CA GLU A 122 -21.82 -4.67 -5.07
C GLU A 122 -21.11 -3.42 -4.56
N GLN A 123 -21.60 -2.89 -3.44
CA GLN A 123 -21.07 -1.66 -2.86
C GLN A 123 -19.57 -1.76 -2.51
N LEU A 124 -19.21 -2.93 -1.96
CA LEU A 124 -17.83 -3.32 -1.75
C LEU A 124 -17.01 -3.35 -3.05
N SER A 125 -17.53 -4.05 -4.07
CA SER A 125 -16.86 -4.14 -5.36
C SER A 125 -16.68 -2.78 -6.03
N ARG A 126 -17.72 -1.96 -6.00
CA ARG A 126 -17.62 -0.63 -6.55
C ARG A 126 -16.62 0.14 -5.70
N GLY A 127 -16.65 -0.09 -4.39
CA GLY A 127 -15.82 0.66 -3.45
C GLY A 127 -14.36 0.31 -3.58
N TRP A 128 -14.11 -0.92 -4.00
CA TRP A 128 -12.76 -1.35 -4.32
C TRP A 128 -12.18 -0.53 -5.48
N VAL A 129 -12.88 -0.47 -6.61
CA VAL A 129 -12.47 0.32 -7.78
C VAL A 129 -12.27 1.80 -7.41
N ARG A 130 -13.28 2.37 -6.74
CA ARG A 130 -13.27 3.74 -6.29
C ARG A 130 -12.04 4.06 -5.44
N GLY A 131 -11.44 3.02 -4.84
CA GLY A 131 -10.23 3.19 -4.07
C GLY A 131 -8.94 3.24 -4.86
N LEU A 132 -8.88 2.63 -6.04
CA LEU A 132 -7.63 2.44 -6.77
C LEU A 132 -7.66 2.91 -8.23
N TYR A 133 -8.82 3.26 -8.77
CA TYR A 133 -8.93 3.41 -10.21
C TYR A 133 -7.74 4.12 -10.87
N LYS A 134 -7.05 5.02 -10.17
CA LYS A 134 -6.05 5.80 -10.91
C LYS A 134 -4.86 4.93 -11.26
N TYR A 135 -4.73 3.79 -10.62
CA TYR A 135 -3.67 2.86 -10.98
C TYR A 135 -4.24 1.59 -11.61
N LEU A 136 -5.33 1.72 -12.34
CA LEU A 136 -5.85 0.63 -13.13
C LEU A 136 -6.15 1.13 -14.54
N GLY A 137 -6.19 0.21 -15.49
CA GLY A 137 -6.56 0.58 -16.82
C GLY A 137 -6.04 -0.43 -17.80
N ASP A 138 -6.71 -0.49 -18.95
CA ASP A 138 -6.42 -1.50 -19.92
C ASP A 138 -4.97 -1.46 -20.44
N ARG A 139 -4.22 -0.43 -20.03
CA ARG A 139 -2.78 -0.31 -20.34
C ARG A 139 -1.92 0.08 -19.15
N ILE A 140 -2.47 -0.14 -17.96
CA ILE A 140 -1.71 -0.07 -16.73
C ILE A 140 -1.80 -1.43 -16.06
N ASP A 141 -2.99 -1.78 -15.56
CA ASP A 141 -3.16 -2.98 -14.75
C ASP A 141 -4.54 -3.56 -14.95
N ILE A 142 -4.63 -4.84 -15.28
CA ILE A 142 -5.89 -5.43 -15.70
C ILE A 142 -6.31 -6.55 -14.76
N PRO A 143 -7.25 -6.26 -13.84
CA PRO A 143 -7.76 -7.27 -12.93
C PRO A 143 -8.73 -8.27 -13.61
N ALA A 144 -8.88 -9.45 -13.01
CA ALA A 144 -9.64 -10.61 -13.53
C ALA A 144 -10.21 -11.37 -12.33
N PRO A 145 -11.05 -12.39 -12.58
CA PRO A 145 -11.53 -13.15 -11.41
C PRO A 145 -10.48 -14.04 -10.75
N ASP A 146 -10.62 -14.20 -9.44
CA ASP A 146 -9.97 -15.28 -8.71
C ASP A 146 -10.98 -15.86 -7.73
N VAL A 147 -10.51 -16.52 -6.68
CA VAL A 147 -11.40 -17.13 -5.67
C VAL A 147 -12.49 -16.17 -5.23
N ASN A 148 -13.73 -16.67 -5.19
CA ASN A 148 -14.92 -15.91 -4.79
C ASN A 148 -15.28 -14.71 -5.68
N THR A 149 -14.60 -14.57 -6.82
CA THR A 149 -15.02 -13.56 -7.77
C THR A 149 -15.33 -14.21 -9.11
N ASN A 150 -16.17 -13.53 -9.89
CA ASN A 150 -16.66 -14.02 -11.17
C ASN A 150 -16.99 -12.84 -12.08
N GLY A 151 -17.63 -13.17 -13.21
CA GLY A 151 -18.02 -12.19 -14.23
C GLY A 151 -19.04 -11.19 -13.69
N GLN A 152 -19.79 -11.57 -12.67
CA GLN A 152 -20.67 -10.62 -12.01
C GLN A 152 -19.87 -9.53 -11.28
N ILE A 153 -18.90 -9.90 -10.46
CA ILE A 153 -18.03 -8.88 -9.87
C ILE A 153 -17.33 -8.07 -10.96
N MET A 154 -16.81 -8.73 -12.00
CA MET A 154 -16.10 -7.99 -13.06
C MET A 154 -17.00 -6.91 -13.70
N SER A 155 -18.27 -7.28 -13.89
CA SER A 155 -19.24 -6.39 -14.46
C SER A 155 -19.52 -5.21 -13.56
N TRP A 156 -19.45 -5.43 -12.25
CA TRP A 156 -19.59 -4.30 -11.33
C TRP A 156 -18.33 -3.43 -11.37
N PHE A 157 -17.18 -4.09 -11.43
CA PHE A 157 -15.93 -3.38 -11.53
C PHE A 157 -15.93 -2.47 -12.77
N VAL A 158 -16.38 -3.00 -13.90
CA VAL A 158 -16.36 -2.29 -15.17
C VAL A 158 -17.32 -1.09 -15.16
N ASP A 159 -18.51 -1.29 -14.60
CA ASP A 159 -19.48 -0.22 -14.51
C ASP A 159 -18.92 0.97 -13.76
N GLU A 160 -18.35 0.73 -12.58
CA GLU A 160 -17.87 1.83 -11.75
C GLU A 160 -16.62 2.43 -12.38
N TYR A 161 -15.76 1.55 -12.89
CA TYR A 161 -14.57 2.02 -13.53
C TYR A 161 -14.85 3.03 -14.65
N VAL A 162 -15.80 2.70 -15.52
CA VAL A 162 -16.17 3.55 -16.67
C VAL A 162 -16.62 4.93 -16.21
N LYS A 163 -17.44 4.95 -15.18
CA LYS A 163 -17.93 6.17 -14.57
C LYS A 163 -16.77 7.04 -14.11
N LEU A 164 -15.75 6.40 -13.52
CA LEU A 164 -14.61 7.12 -13.02
C LEU A 164 -13.72 7.56 -14.18
N ASN A 165 -13.69 6.75 -15.24
CA ASN A 165 -12.83 6.93 -16.37
C ASN A 165 -13.31 7.95 -17.43
N GLY A 166 -14.06 8.98 -17.03
CA GLY A 166 -14.49 9.96 -18.02
C GLY A 166 -15.46 9.36 -19.00
N GLU A 167 -16.07 8.23 -18.62
CA GLU A 167 -17.15 7.58 -19.39
C GLU A 167 -16.61 6.79 -20.54
N ARG A 168 -15.28 6.73 -20.64
CA ARG A 168 -14.66 5.99 -21.75
C ARG A 168 -14.73 4.53 -21.42
N MET A 169 -15.38 3.78 -22.28
CA MET A 169 -15.59 2.37 -22.04
C MET A 169 -14.36 1.54 -22.39
N ASP A 170 -13.33 1.66 -21.56
CA ASP A 170 -12.15 0.80 -21.64
C ASP A 170 -12.46 -0.55 -20.97
N ILE A 171 -13.33 -1.31 -21.61
CA ILE A 171 -13.81 -2.51 -20.96
C ILE A 171 -12.77 -3.61 -20.75
N GLY A 172 -11.75 -3.65 -21.60
CA GLY A 172 -10.57 -4.49 -21.36
C GLY A 172 -9.72 -4.11 -20.14
N THR A 173 -10.25 -3.31 -19.23
CA THR A 173 -9.55 -3.01 -18.00
C THR A 173 -9.80 -4.16 -17.01
N PHE A 174 -10.84 -4.95 -17.28
CA PHE A 174 -11.13 -6.15 -16.50
C PHE A 174 -11.45 -7.26 -17.45
N THR A 175 -10.84 -8.41 -17.22
CA THR A 175 -11.14 -9.57 -18.03
C THR A 175 -11.98 -10.52 -17.20
N GLY A 176 -12.33 -11.65 -17.80
CA GLY A 176 -13.21 -12.61 -17.16
C GLY A 176 -14.63 -12.13 -17.13
N LYS A 177 -14.95 -11.20 -18.00
CA LYS A 177 -16.32 -10.74 -18.18
C LYS A 177 -17.19 -11.78 -18.88
N PRO A 178 -18.51 -11.72 -18.63
CA PRO A 178 -19.46 -12.48 -19.44
C PRO A 178 -19.35 -12.15 -20.92
N VAL A 179 -19.53 -13.14 -21.79
CA VAL A 179 -19.68 -12.87 -23.23
C VAL A 179 -20.74 -11.80 -23.44
N ALA A 180 -21.85 -11.88 -22.72
CA ALA A 180 -22.90 -10.88 -22.80
C ALA A 180 -22.39 -9.45 -22.58
N PHE A 181 -21.23 -9.28 -21.98
CA PHE A 181 -20.71 -7.95 -21.75
C PHE A 181 -19.22 -7.84 -22.11
N GLY A 182 -18.90 -8.24 -23.34
CA GLY A 182 -17.57 -8.01 -23.88
C GLY A 182 -16.50 -8.95 -23.37
N GLY A 183 -16.95 -10.10 -22.86
CA GLY A 183 -16.02 -11.18 -22.56
C GLY A 183 -15.81 -11.89 -23.88
N SER A 184 -15.27 -13.09 -23.80
CA SER A 184 -14.81 -13.82 -24.96
C SER A 184 -15.25 -15.28 -24.96
N GLU A 185 -15.41 -15.83 -26.15
CA GLU A 185 -15.74 -17.21 -26.34
C GLU A 185 -14.55 -18.05 -25.93
N GLY A 186 -14.81 -19.31 -25.59
CA GLY A 186 -13.74 -20.25 -25.35
C GLY A 186 -13.23 -20.19 -23.93
N ARG A 187 -13.82 -19.31 -23.14
CA ARG A 187 -13.40 -19.05 -21.76
C ARG A 187 -13.55 -20.24 -20.80
N ASN A 188 -14.79 -20.70 -20.65
CA ASN A 188 -15.11 -21.71 -19.68
C ASN A 188 -14.28 -22.99 -19.83
N GLU A 189 -14.04 -23.43 -21.06
CA GLU A 189 -13.30 -24.67 -21.28
C GLU A 189 -11.86 -24.41 -21.75
N ALA A 190 -11.34 -23.21 -21.48
CA ALA A 190 -10.00 -22.83 -21.98
C ALA A 190 -8.87 -23.69 -21.40
N THR A 191 -8.81 -23.75 -20.08
CA THR A 191 -7.73 -24.44 -19.41
C THR A 191 -7.72 -25.92 -19.82
N GLY A 192 -8.87 -26.57 -19.74
CA GLY A 192 -9.02 -27.94 -20.20
C GLY A 192 -8.54 -28.16 -21.63
N PHE A 193 -8.90 -27.25 -22.52
CA PHE A 193 -8.38 -27.24 -23.90
C PHE A 193 -6.84 -27.08 -23.88
N GLY A 194 -6.35 -26.22 -23.00
CA GLY A 194 -4.91 -26.02 -22.85
C GLY A 194 -4.16 -27.30 -22.52
N VAL A 195 -4.57 -27.92 -21.42
CA VAL A 195 -4.01 -29.16 -20.91
C VAL A 195 -3.95 -30.23 -22.00
N ALA A 196 -5.07 -30.45 -22.69
CA ALA A 196 -5.15 -31.46 -23.74
C ALA A 196 -4.11 -31.21 -24.84
N VAL A 197 -3.94 -29.95 -25.23
CA VAL A 197 -2.92 -29.60 -26.20
C VAL A 197 -1.54 -29.92 -25.65
N VAL A 198 -1.33 -29.58 -24.38
CA VAL A 198 -0.03 -29.75 -23.74
C VAL A 198 0.32 -31.22 -23.59
N VAL A 199 -0.68 -32.03 -23.28
CA VAL A 199 -0.53 -33.48 -23.20
C VAL A 199 -0.02 -34.08 -24.52
N ARG A 200 -0.69 -33.73 -25.63
CA ARG A 200 -0.33 -34.28 -26.93
C ARG A 200 1.10 -33.95 -27.38
N GLU A 201 1.50 -32.69 -27.24
CA GLU A 201 2.82 -32.26 -27.66
C GLU A 201 3.93 -32.83 -26.77
N SER A 202 3.64 -32.98 -25.47
CA SER A 202 4.59 -33.60 -24.56
C SER A 202 4.83 -35.04 -25.00
N ALA A 203 3.74 -35.79 -25.09
CA ALA A 203 3.78 -37.17 -25.50
C ALA A 203 4.56 -37.31 -26.80
N LYS A 204 4.18 -36.51 -27.79
CA LYS A 204 4.82 -36.49 -29.11
C LYS A 204 6.33 -36.29 -28.98
N ARG A 205 6.73 -35.34 -28.14
CA ARG A 205 8.14 -35.06 -27.92
C ARG A 205 8.85 -36.15 -27.13
N PHE A 206 8.11 -36.89 -26.30
CA PHE A 206 8.70 -38.00 -25.54
C PHE A 206 8.47 -39.37 -26.18
N GLY A 207 8.08 -39.34 -27.46
CA GLY A 207 7.90 -40.55 -28.25
C GLY A 207 6.68 -41.36 -27.89
N ILE A 208 5.57 -40.66 -27.65
CA ILE A 208 4.28 -41.32 -27.38
C ILE A 208 3.20 -40.78 -28.32
N LYS A 209 2.49 -41.70 -28.97
CA LYS A 209 1.44 -41.34 -29.93
C LYS A 209 0.10 -41.31 -29.20
N MET A 210 -0.66 -40.24 -29.42
CA MET A 210 -1.86 -39.97 -28.62
C MET A 210 -2.92 -41.05 -28.65
N GLU A 211 -3.39 -41.43 -29.84
CA GLU A 211 -4.40 -42.47 -29.95
C GLU A 211 -3.88 -43.81 -29.45
N ASP A 212 -2.59 -43.87 -29.13
CA ASP A 212 -1.89 -45.14 -28.96
C ASP A 212 -1.48 -45.48 -27.53
N ALA A 213 -1.73 -44.58 -26.59
CA ALA A 213 -1.50 -44.88 -25.19
C ALA A 213 -2.59 -44.25 -24.35
N LYS A 214 -3.10 -45.03 -23.42
CA LYS A 214 -4.26 -44.64 -22.63
C LYS A 214 -3.80 -43.89 -21.39
N ILE A 215 -4.73 -43.15 -20.79
CA ILE A 215 -4.40 -42.03 -19.91
C ILE A 215 -5.26 -42.02 -18.65
N ALA A 216 -4.68 -41.51 -17.55
CA ALA A 216 -5.38 -41.34 -16.28
C ALA A 216 -5.51 -39.87 -15.87
N VAL A 217 -6.72 -39.45 -15.57
CA VAL A 217 -6.99 -38.10 -15.09
C VAL A 217 -7.55 -38.10 -13.67
N GLN A 218 -6.85 -37.47 -12.74
CA GLN A 218 -7.28 -37.41 -11.33
C GLN A 218 -8.14 -36.17 -11.08
N GLY A 219 -9.40 -36.36 -10.69
CA GLY A 219 -10.31 -35.22 -10.49
C GLY A 219 -11.14 -34.88 -11.73
N PHE A 220 -12.37 -34.37 -11.51
CA PHE A 220 -13.29 -34.12 -12.62
C PHE A 220 -14.07 -32.80 -12.41
N GLY A 221 -13.35 -31.78 -11.93
CA GLY A 221 -13.93 -30.47 -11.66
C GLY A 221 -14.18 -29.71 -12.94
N ASN A 222 -13.85 -28.41 -12.98
CA ASN A 222 -13.92 -27.71 -14.25
C ASN A 222 -12.79 -28.20 -15.15
N VAL A 223 -11.54 -28.00 -14.72
CA VAL A 223 -10.46 -28.75 -15.29
C VAL A 223 -10.78 -30.23 -15.03
N GLY A 224 -10.37 -31.11 -15.92
CA GLY A 224 -10.68 -32.52 -15.72
C GLY A 224 -11.83 -32.78 -16.64
N THR A 225 -13.02 -32.37 -16.25
CA THR A 225 -14.15 -32.35 -17.18
C THR A 225 -13.67 -32.02 -18.59
N PHE A 226 -13.05 -30.85 -18.76
CA PHE A 226 -12.73 -30.38 -20.09
C PHE A 226 -11.38 -30.85 -20.63
N THR A 227 -10.55 -31.43 -19.77
CA THR A 227 -9.34 -32.06 -20.28
C THR A 227 -9.63 -33.45 -20.88
N VAL A 228 -10.53 -34.24 -20.28
CA VAL A 228 -10.89 -35.51 -20.90
C VAL A 228 -11.65 -35.23 -22.18
N LYS A 229 -12.45 -34.17 -22.19
CA LYS A 229 -13.20 -33.77 -23.39
C LYS A 229 -12.28 -33.58 -24.58
N ASN A 230 -11.27 -32.74 -24.40
CA ASN A 230 -10.38 -32.40 -25.50
C ASN A 230 -9.36 -33.47 -25.84
N ILE A 231 -9.13 -34.38 -24.89
CA ILE A 231 -8.31 -35.54 -25.19
C ILE A 231 -9.03 -36.33 -26.26
N GLU A 232 -10.34 -36.52 -26.08
CA GLU A 232 -11.19 -37.18 -27.09
C GLU A 232 -11.20 -36.36 -28.38
N ARG A 233 -11.40 -35.04 -28.23
CA ARG A 233 -11.40 -34.13 -29.34
C ARG A 233 -10.09 -34.21 -30.12
N GLN A 234 -9.02 -34.62 -29.44
CA GLN A 234 -7.74 -34.73 -30.12
C GLN A 234 -7.24 -36.11 -30.47
N GLY A 235 -8.17 -37.08 -30.50
CA GLY A 235 -7.88 -38.42 -31.01
C GLY A 235 -7.49 -39.43 -29.95
N GLY A 236 -7.13 -38.92 -28.77
CA GLY A 236 -6.84 -39.77 -27.62
C GLY A 236 -8.09 -40.22 -26.87
N LYS A 237 -7.89 -40.82 -25.70
CA LYS A 237 -9.02 -41.20 -24.84
C LYS A 237 -8.56 -41.60 -23.43
N VAL A 238 -9.46 -41.46 -22.45
CA VAL A 238 -9.10 -41.67 -21.05
C VAL A 238 -9.71 -42.94 -20.46
N CYS A 239 -8.87 -43.85 -20.00
CA CYS A 239 -9.35 -45.07 -19.35
C CYS A 239 -9.70 -44.81 -17.87
N ALA A 240 -8.71 -44.43 -17.07
CA ALA A 240 -8.91 -44.22 -15.63
C ALA A 240 -9.21 -42.76 -15.28
N ILE A 241 -10.34 -42.49 -14.63
CA ILE A 241 -10.55 -41.15 -14.07
C ILE A 241 -10.04 -41.10 -12.60
N ALA A 242 -10.97 -40.98 -11.63
CA ALA A 242 -10.68 -40.71 -10.21
C ALA A 242 -11.43 -39.45 -9.77
N GLU A 243 -11.95 -39.49 -8.55
CA GLU A 243 -12.86 -38.44 -8.05
C GLU A 243 -13.15 -38.63 -6.55
N TRP A 244 -13.90 -37.71 -5.94
CA TRP A 244 -14.17 -37.76 -4.50
C TRP A 244 -15.66 -37.57 -4.13
N ASP A 245 -16.11 -38.32 -3.13
CA ASP A 245 -17.44 -38.13 -2.51
C ASP A 245 -17.42 -38.25 -0.97
N ARG A 246 -18.52 -38.68 -0.34
CA ARG A 246 -18.81 -38.28 1.06
C ARG A 246 -19.05 -39.28 2.25
N ASN A 247 -19.73 -40.43 2.10
CA ASN A 247 -20.21 -41.10 0.88
C ASN A 247 -19.11 -41.69 0.00
N GLU A 248 -18.05 -42.16 0.66
CA GLU A 248 -16.98 -42.98 0.10
C GLU A 248 -15.67 -42.19 0.09
N GLY A 249 -15.64 -41.09 -0.67
CA GLY A 249 -14.42 -40.29 -0.81
C GLY A 249 -13.28 -41.03 -1.49
N ASN A 250 -12.45 -40.29 -2.23
CA ASN A 250 -11.31 -40.86 -2.95
C ASN A 250 -11.67 -42.16 -3.69
N TYR A 251 -12.62 -42.06 -4.61
CA TYR A 251 -13.01 -43.21 -5.42
C TYR A 251 -12.46 -43.05 -6.84
N ALA A 252 -12.79 -44.00 -7.73
CA ALA A 252 -12.31 -43.98 -9.11
C ALA A 252 -13.21 -44.76 -10.07
N LEU A 253 -13.62 -44.09 -11.14
CA LEU A 253 -14.38 -44.71 -12.21
C LEU A 253 -13.42 -45.49 -13.11
N TYR A 254 -13.95 -46.18 -14.11
CA TYR A 254 -13.16 -46.99 -15.05
C TYR A 254 -14.11 -47.89 -15.84
N ASN A 255 -14.46 -47.42 -17.05
CA ASN A 255 -15.35 -48.16 -17.97
C ASN A 255 -14.59 -48.64 -19.25
N GLU A 256 -13.27 -48.84 -19.11
CA GLU A 256 -12.49 -49.90 -19.81
C GLU A 256 -11.57 -49.50 -20.97
N ASN A 257 -12.15 -49.30 -22.15
CA ASN A 257 -11.45 -48.72 -23.28
C ASN A 257 -11.80 -47.24 -23.34
N GLY A 258 -11.61 -46.55 -22.22
CA GLY A 258 -11.98 -45.16 -22.10
C GLY A 258 -13.39 -44.97 -21.60
N ILE A 259 -13.56 -43.96 -20.75
CA ILE A 259 -14.87 -43.57 -20.26
C ILE A 259 -15.43 -42.56 -21.25
N ASP A 260 -16.64 -42.80 -21.73
CA ASP A 260 -17.29 -41.83 -22.60
C ASP A 260 -17.53 -40.49 -21.88
N PHE A 261 -16.79 -39.45 -22.29
CA PHE A 261 -16.99 -38.14 -21.69
C PHE A 261 -18.43 -37.67 -21.88
N LYS A 262 -18.88 -37.69 -23.14
CA LYS A 262 -20.23 -37.28 -23.51
C LYS A 262 -21.28 -37.79 -22.53
N GLU A 263 -21.28 -39.10 -22.31
CA GLU A 263 -22.30 -39.75 -21.48
C GLU A 263 -22.00 -39.64 -19.98
N LEU A 264 -20.72 -39.58 -19.60
CA LEU A 264 -20.38 -39.42 -18.20
C LEU A 264 -20.81 -38.04 -17.72
N LEU A 265 -20.42 -37.00 -18.46
CA LEU A 265 -20.84 -35.64 -18.15
C LEU A 265 -22.36 -35.57 -17.95
N ALA A 266 -23.09 -36.12 -18.91
CA ALA A 266 -24.55 -36.30 -18.80
C ALA A 266 -25.03 -36.86 -17.46
N TYR A 267 -24.22 -37.70 -16.82
CA TYR A 267 -24.62 -38.30 -15.54
C TYR A 267 -24.31 -37.42 -14.32
N LYS A 268 -23.34 -36.51 -14.46
CA LYS A 268 -23.13 -35.49 -13.43
C LYS A 268 -24.37 -34.62 -13.32
N GLU A 269 -24.96 -34.32 -14.47
CA GLU A 269 -26.30 -33.78 -14.50
C GLU A 269 -27.23 -34.94 -14.18
N ALA A 270 -28.16 -34.71 -13.26
CA ALA A 270 -29.04 -35.75 -12.68
C ALA A 270 -28.48 -36.27 -11.37
N ASN A 271 -27.26 -36.82 -11.41
CA ASN A 271 -26.71 -37.51 -10.23
C ASN A 271 -25.73 -36.71 -9.35
N LYS A 272 -25.23 -35.58 -9.85
CA LYS A 272 -24.23 -34.76 -9.12
C LYS A 272 -23.01 -35.57 -8.65
N THR A 273 -22.95 -36.82 -9.11
CA THR A 273 -21.81 -37.70 -8.88
C THR A 273 -21.62 -38.62 -10.08
N ILE A 295 -0.85 -42.22 -19.42
CA ILE A 295 -0.08 -41.51 -18.39
C ILE A 295 -0.99 -40.61 -17.54
N ILE A 296 -0.41 -39.83 -16.59
CA ILE A 296 -1.21 -39.22 -15.51
C ILE A 296 -1.36 -37.69 -15.47
N VAL A 297 -2.62 -37.24 -15.51
CA VAL A 297 -3.00 -35.84 -15.34
C VAL A 297 -3.71 -35.61 -14.00
N PRO A 298 -2.97 -35.11 -13.01
CA PRO A 298 -3.67 -34.65 -11.82
C PRO A 298 -4.38 -33.30 -11.99
N ALA A 299 -5.72 -33.33 -12.01
CA ALA A 299 -6.51 -32.14 -11.79
C ALA A 299 -6.80 -32.13 -10.28
N ALA A 300 -7.95 -31.60 -9.88
CA ALA A 300 -8.33 -31.53 -8.45
C ALA A 300 -7.31 -30.81 -7.55
N LEU A 301 -6.78 -31.51 -6.54
CA LEU A 301 -6.09 -30.84 -5.41
C LEU A 301 -4.57 -30.94 -5.33
N GLU A 302 -4.00 -30.22 -4.37
CA GLU A 302 -2.57 -30.04 -4.26
C GLU A 302 -1.92 -31.18 -3.52
N ASN A 303 -0.59 -31.21 -3.56
CA ASN A 303 0.23 -32.13 -2.77
C ASN A 303 -0.12 -33.63 -2.84
N VAL A 304 -1.03 -34.00 -3.74
CA VAL A 304 -1.17 -35.39 -4.17
C VAL A 304 0.05 -35.63 -5.03
N ILE A 305 0.65 -36.80 -4.91
CA ILE A 305 1.98 -37.09 -5.50
C ILE A 305 3.06 -36.49 -4.60
N THR A 306 3.32 -37.18 -3.48
CA THR A 306 4.46 -36.89 -2.60
C THR A 306 5.53 -37.95 -2.84
N GLY A 307 6.68 -37.82 -2.16
CA GLY A 307 7.77 -38.78 -2.29
C GLY A 307 7.34 -40.25 -2.30
N GLU A 308 6.43 -40.62 -1.40
CA GLU A 308 5.97 -42.02 -1.28
C GLU A 308 4.70 -42.35 -2.07
N ARG A 309 4.15 -41.36 -2.79
CA ARG A 309 3.06 -41.58 -3.73
C ARG A 309 3.64 -41.74 -5.14
N ALA A 310 4.63 -40.91 -5.45
CA ALA A 310 5.38 -41.00 -6.70
C ALA A 310 6.00 -42.39 -6.92
N LYS A 311 6.56 -42.97 -5.86
CA LYS A 311 7.20 -44.28 -5.94
C LYS A 311 6.24 -45.43 -6.25
N THR A 312 4.93 -45.19 -6.14
CA THR A 312 3.93 -46.24 -6.31
C THR A 312 3.30 -46.38 -7.71
N ILE A 313 3.43 -45.37 -8.57
CA ILE A 313 2.80 -45.48 -9.90
C ILE A 313 3.73 -45.81 -11.09
N ASN A 314 3.10 -45.87 -12.26
CA ASN A 314 3.67 -46.50 -13.43
C ASN A 314 3.22 -45.73 -14.64
N ALA A 315 4.05 -44.79 -15.05
CA ALA A 315 3.77 -43.91 -16.18
C ALA A 315 5.09 -43.34 -16.67
N LYS A 316 5.15 -42.96 -17.95
CA LYS A 316 6.35 -42.33 -18.50
C LYS A 316 6.19 -40.82 -18.48
N LEU A 317 5.00 -40.33 -18.15
CA LEU A 317 4.73 -38.89 -18.20
C LEU A 317 3.65 -38.40 -17.25
N VAL A 318 3.94 -37.26 -16.60
CA VAL A 318 2.97 -36.59 -15.74
C VAL A 318 2.66 -35.18 -16.25
N CYS A 319 1.37 -34.90 -16.40
CA CYS A 319 0.92 -33.60 -16.85
C CYS A 319 0.05 -32.90 -15.81
N GLU A 320 0.68 -32.01 -15.07
CA GLU A 320 0.01 -31.24 -14.03
C GLU A 320 -1.07 -30.32 -14.57
N ALA A 321 -2.31 -30.56 -14.17
CA ALA A 321 -3.39 -29.70 -14.56
C ALA A 321 -3.83 -28.86 -13.37
N ALA A 322 -3.75 -29.42 -12.17
CA ALA A 322 -4.00 -28.66 -10.96
C ALA A 322 -2.71 -27.95 -10.65
N ASN A 323 -2.78 -26.78 -10.03
CA ASN A 323 -1.61 -26.20 -9.38
C ASN A 323 -1.27 -27.06 -8.16
N GLY A 324 0.03 -27.33 -7.99
CA GLY A 324 0.49 -28.03 -6.82
C GLY A 324 1.03 -29.42 -7.04
N PRO A 325 0.20 -30.34 -7.59
CA PRO A 325 0.28 -31.79 -7.36
C PRO A 325 1.60 -32.25 -6.77
N THR A 326 2.66 -32.31 -7.58
CA THR A 326 3.93 -32.88 -7.13
C THR A 326 4.70 -32.00 -6.13
N THR A 327 5.05 -32.60 -5.01
CA THR A 327 5.86 -31.93 -3.98
C THR A 327 7.33 -31.95 -4.39
N PRO A 328 8.11 -30.96 -3.90
CA PRO A 328 9.56 -30.97 -4.16
C PRO A 328 10.21 -32.34 -3.90
N GLU A 329 9.69 -33.09 -2.92
CA GLU A 329 10.14 -34.46 -2.68
C GLU A 329 9.76 -35.41 -3.83
N GLY A 330 8.51 -35.34 -4.28
CA GLY A 330 8.03 -36.18 -5.39
C GLY A 330 8.83 -36.02 -6.65
N ASP A 331 8.98 -34.77 -7.09
CA ASP A 331 9.81 -34.42 -8.25
C ASP A 331 11.14 -35.15 -8.29
N LYS A 332 11.77 -35.30 -7.13
CA LYS A 332 13.11 -35.90 -7.04
C LYS A 332 13.14 -37.32 -7.59
N VAL A 333 12.23 -38.17 -7.09
CA VAL A 333 12.15 -39.57 -7.51
C VAL A 333 11.73 -39.72 -8.98
N LEU A 334 10.77 -38.91 -9.42
CA LEU A 334 10.35 -38.89 -10.82
C LEU A 334 11.53 -38.81 -11.76
N THR A 335 12.45 -37.90 -11.47
CA THR A 335 13.65 -37.71 -12.28
C THR A 335 14.53 -38.96 -12.31
N GLU A 336 14.67 -39.60 -11.15
CA GLU A 336 15.50 -40.80 -11.06
C GLU A 336 14.75 -42.03 -11.58
N ARG A 337 13.44 -42.08 -11.37
CA ARG A 337 12.59 -43.18 -11.86
C ARG A 337 12.39 -43.06 -13.38
N GLY A 338 12.81 -41.94 -13.95
CA GLY A 338 12.77 -41.76 -15.40
C GLY A 338 11.46 -41.20 -15.94
N ILE A 339 10.69 -40.59 -15.04
CA ILE A 339 9.39 -40.06 -15.39
C ILE A 339 9.43 -38.53 -15.64
N ASN A 340 8.98 -38.14 -16.84
CA ASN A 340 8.96 -36.75 -17.26
C ASN A 340 7.73 -36.08 -16.72
N LEU A 341 7.77 -34.75 -16.66
CA LEU A 341 6.71 -34.00 -16.01
C LEU A 341 6.54 -32.60 -16.58
N THR A 342 5.36 -32.33 -17.12
CA THR A 342 5.02 -30.99 -17.55
C THR A 342 4.35 -30.22 -16.40
N PRO A 343 4.95 -29.10 -15.98
CA PRO A 343 4.55 -28.31 -14.80
C PRO A 343 3.25 -27.49 -14.95
N ASP A 344 2.46 -27.49 -13.89
CA ASP A 344 1.17 -26.77 -13.86
C ASP A 344 1.25 -25.48 -14.63
N ILE A 345 2.01 -24.52 -14.10
CA ILE A 345 2.16 -23.18 -14.70
C ILE A 345 2.09 -23.13 -16.23
N LEU A 346 2.73 -24.09 -16.89
CA LEU A 346 2.64 -24.21 -18.34
C LEU A 346 1.35 -24.92 -18.76
N THR A 347 1.17 -26.14 -18.25
CA THR A 347 0.07 -27.00 -18.66
C THR A 347 -1.34 -26.40 -18.51
N ASN A 348 -1.56 -25.62 -17.46
CA ASN A 348 -2.90 -25.11 -17.17
C ASN A 348 -3.06 -23.64 -17.51
N SER A 349 -2.24 -23.12 -18.41
CA SER A 349 -2.18 -21.68 -18.66
C SER A 349 -3.15 -21.20 -19.74
N GLY A 350 -3.93 -22.14 -20.29
CA GLY A 350 -4.88 -21.81 -21.37
C GLY A 350 -5.91 -20.79 -20.92
N GLY A 351 -6.38 -20.97 -19.69
CA GLY A 351 -7.29 -20.01 -19.06
C GLY A 351 -6.82 -18.59 -19.22
N VAL A 352 -5.59 -18.30 -18.79
CA VAL A 352 -5.06 -16.92 -18.85
C VAL A 352 -4.76 -16.54 -20.29
N LEU A 353 -4.37 -17.53 -21.09
CA LEU A 353 -4.22 -17.29 -22.50
C LEU A 353 -5.53 -16.74 -23.06
N VAL A 354 -6.64 -17.37 -22.74
CA VAL A 354 -7.91 -16.88 -23.25
C VAL A 354 -8.29 -15.55 -22.63
N SER A 355 -7.87 -15.33 -21.37
CA SER A 355 -8.13 -14.08 -20.68
C SER A 355 -7.45 -12.92 -21.45
N TYR A 356 -6.26 -13.22 -21.98
CA TYR A 356 -5.46 -12.29 -22.76
C TYR A 356 -6.19 -11.97 -24.05
N TYR A 357 -6.70 -13.00 -24.71
CA TYR A 357 -7.46 -12.81 -25.96
C TYR A 357 -8.63 -11.86 -25.73
N GLU A 358 -9.34 -12.04 -24.63
CA GLU A 358 -10.47 -11.17 -24.28
C GLU A 358 -10.04 -9.70 -24.32
N TRP A 359 -8.95 -9.40 -23.62
CA TRP A 359 -8.35 -8.08 -23.61
C TRP A 359 -7.99 -7.61 -25.01
N VAL A 360 -7.43 -8.50 -25.84
CA VAL A 360 -7.10 -8.09 -27.21
C VAL A 360 -8.39 -7.67 -27.91
N GLN A 361 -9.40 -8.52 -27.88
CA GLN A 361 -10.68 -8.21 -28.51
C GLN A 361 -11.31 -6.90 -28.03
N ASN A 362 -11.08 -6.56 -26.76
CA ASN A 362 -11.59 -5.32 -26.16
C ASN A 362 -10.92 -4.08 -26.69
N GLN A 363 -9.74 -4.27 -27.27
CA GLN A 363 -8.87 -3.15 -27.58
C GLN A 363 -9.26 -2.61 -28.91
N TYR A 364 -9.55 -3.49 -29.84
CA TYR A 364 -10.05 -3.03 -31.13
C TYR A 364 -11.54 -3.32 -31.25
N GLY A 365 -12.12 -3.94 -30.24
CA GLY A 365 -13.57 -4.12 -30.20
C GLY A 365 -14.16 -5.04 -31.27
N TYR A 366 -13.39 -6.03 -31.67
CA TYR A 366 -13.86 -7.08 -32.57
C TYR A 366 -13.79 -8.42 -31.80
N TYR A 367 -14.83 -9.24 -31.88
CA TYR A 367 -14.95 -10.40 -30.99
C TYR A 367 -14.81 -11.68 -31.76
N TRP A 368 -14.02 -12.61 -31.23
CA TRP A 368 -13.74 -13.86 -31.95
C TRP A 368 -14.72 -15.00 -31.67
N THR A 369 -14.78 -15.98 -32.55
CA THR A 369 -15.66 -17.11 -32.36
C THR A 369 -14.93 -18.16 -31.60
N GLU A 370 -15.68 -19.06 -30.95
CA GLU A 370 -15.13 -20.21 -30.27
C GLU A 370 -14.09 -20.95 -31.13
N ALA A 371 -14.39 -21.14 -32.41
CA ALA A 371 -13.46 -21.82 -33.31
C ALA A 371 -12.20 -20.98 -33.51
N GLU A 372 -12.38 -19.69 -33.66
CA GLU A 372 -11.25 -18.79 -33.87
C GLU A 372 -10.40 -18.72 -32.63
N VAL A 373 -11.04 -18.85 -31.47
CA VAL A 373 -10.32 -18.78 -30.19
C VAL A 373 -9.48 -20.03 -30.00
N GLU A 374 -10.07 -21.19 -30.28
CA GLU A 374 -9.34 -22.45 -30.21
C GLU A 374 -8.17 -22.50 -31.17
N GLU A 375 -8.38 -22.04 -32.41
CA GLU A 375 -7.33 -22.07 -33.41
C GLU A 375 -6.08 -21.35 -32.91
N LYS A 376 -6.26 -20.11 -32.45
CA LYS A 376 -5.19 -19.31 -31.86
C LYS A 376 -4.64 -19.95 -30.60
N GLN A 377 -5.54 -20.50 -29.78
CA GLN A 377 -5.15 -21.11 -28.52
C GLN A 377 -4.20 -22.27 -28.72
N GLU A 378 -4.45 -23.09 -29.73
CA GLU A 378 -3.55 -24.17 -30.06
C GLU A 378 -2.19 -23.65 -30.56
N ALA A 379 -2.23 -22.67 -31.47
CA ALA A 379 -1.01 -22.04 -32.00
C ALA A 379 -0.08 -21.55 -30.89
N ASP A 380 -0.64 -20.84 -29.93
CA ASP A 380 0.11 -20.15 -28.91
C ASP A 380 0.59 -21.06 -27.82
N MET A 381 -0.24 -22.01 -27.39
CA MET A 381 0.22 -23.04 -26.45
C MET A 381 1.46 -23.73 -27.03
N MET A 382 1.36 -24.15 -28.28
CA MET A 382 2.48 -24.81 -28.96
C MET A 382 3.72 -23.96 -29.05
N LYS A 383 3.55 -22.65 -29.22
CA LYS A 383 4.67 -21.72 -29.21
C LYS A 383 5.33 -21.72 -27.84
N ALA A 384 4.52 -21.65 -26.79
CA ALA A 384 5.03 -21.61 -25.43
C ALA A 384 5.71 -22.95 -25.04
N ILE A 385 5.07 -24.05 -25.40
CA ILE A 385 5.68 -25.36 -25.19
C ILE A 385 7.06 -25.40 -25.81
N LYS A 386 7.16 -24.95 -27.07
CA LYS A 386 8.37 -25.05 -27.85
C LYS A 386 9.48 -24.33 -27.11
N GLY A 387 9.15 -23.17 -26.55
CA GLY A 387 10.08 -22.35 -25.79
C GLY A 387 10.63 -23.05 -24.56
N VAL A 388 9.73 -23.50 -23.69
CA VAL A 388 10.11 -24.21 -22.46
C VAL A 388 11.02 -25.42 -22.74
N PHE A 389 10.71 -26.17 -23.80
CA PHE A 389 11.53 -27.30 -24.24
C PHE A 389 12.91 -26.87 -24.71
N ALA A 390 12.96 -25.78 -25.49
CA ALA A 390 14.20 -25.26 -26.05
C ALA A 390 15.16 -24.87 -24.94
N VAL A 391 14.61 -24.20 -23.93
CA VAL A 391 15.34 -23.84 -22.72
C VAL A 391 15.85 -25.06 -21.95
N ALA A 392 14.98 -26.05 -21.73
CA ALA A 392 15.36 -27.30 -21.04
C ALA A 392 16.48 -28.04 -21.76
N ASP A 393 16.40 -28.05 -23.08
CA ASP A 393 17.41 -28.68 -23.93
C ASP A 393 18.74 -27.92 -23.86
N GLU A 394 18.66 -26.60 -23.66
CA GLU A 394 19.83 -25.74 -23.68
C GLU A 394 20.54 -25.71 -22.32
N TYR A 395 19.79 -25.37 -21.27
CA TYR A 395 20.32 -25.35 -19.91
C TYR A 395 20.27 -26.73 -19.25
N ASN A 396 19.87 -27.74 -20.02
CA ASN A 396 20.00 -29.14 -19.62
C ASN A 396 19.38 -29.46 -18.25
N VAL A 397 18.10 -29.13 -18.11
CA VAL A 397 17.40 -29.37 -16.84
C VAL A 397 15.88 -29.63 -16.98
N THR A 398 15.20 -29.90 -15.87
CA THR A 398 13.77 -30.24 -15.83
C THR A 398 12.89 -29.20 -16.48
N LEU A 399 11.74 -29.66 -16.94
CA LEU A 399 10.72 -28.76 -17.45
C LEU A 399 10.26 -27.76 -16.38
N ARG A 400 10.11 -28.21 -15.14
CA ARG A 400 9.66 -27.33 -14.07
C ARG A 400 10.64 -26.21 -13.85
N GLU A 401 11.92 -26.52 -13.77
CA GLU A 401 12.92 -25.47 -13.62
C GLU A 401 13.17 -24.67 -14.92
N ALA A 402 12.76 -25.24 -16.06
CA ALA A 402 12.86 -24.56 -17.37
C ALA A 402 11.80 -23.48 -17.58
N VAL A 403 10.56 -23.76 -17.18
CA VAL A 403 9.47 -22.80 -17.38
C VAL A 403 9.70 -21.50 -16.62
N TYR A 404 10.17 -21.63 -15.37
CA TYR A 404 10.47 -20.49 -14.52
C TYR A 404 11.61 -19.71 -15.13
N MET A 405 12.60 -20.44 -15.67
CA MET A 405 13.73 -19.80 -16.35
C MET A 405 13.28 -19.06 -17.63
N TYR A 406 12.36 -19.67 -18.37
CA TYR A 406 11.78 -19.05 -19.57
C TYR A 406 11.15 -17.70 -19.24
N ALA A 407 10.35 -17.65 -18.17
CA ALA A 407 9.71 -16.43 -17.72
C ALA A 407 10.74 -15.38 -17.30
N ILE A 408 11.66 -15.74 -16.42
CA ILE A 408 12.68 -14.79 -15.98
C ILE A 408 13.50 -14.28 -17.16
N LYS A 409 13.87 -15.17 -18.07
CA LYS A 409 14.76 -14.80 -19.16
C LYS A 409 14.22 -13.64 -19.97
N SER A 410 12.96 -13.75 -20.40
CA SER A 410 12.36 -12.67 -21.17
C SER A 410 12.06 -11.44 -20.32
N ILE A 411 11.63 -11.61 -19.07
CA ILE A 411 11.48 -10.45 -18.16
C ILE A 411 12.82 -9.71 -18.00
N ASP A 412 13.90 -10.48 -17.97
CA ASP A 412 15.22 -9.89 -17.84
C ASP A 412 15.58 -8.95 -19.00
N VAL A 413 15.43 -9.46 -20.22
CA VAL A 413 15.70 -8.67 -21.42
C VAL A 413 15.01 -7.33 -21.35
N ALA A 414 13.70 -7.32 -21.07
CA ALA A 414 12.92 -6.08 -21.00
C ALA A 414 13.41 -5.06 -19.98
N MET A 415 13.63 -5.50 -18.74
CA MET A 415 14.20 -4.65 -17.71
C MET A 415 15.52 -4.03 -18.19
N LYS A 416 16.43 -4.84 -18.78
CA LYS A 416 17.70 -4.28 -19.28
C LYS A 416 17.53 -3.28 -20.44
N LEU A 417 16.66 -3.58 -21.40
CA LEU A 417 16.38 -2.67 -22.51
C LEU A 417 15.82 -1.33 -22.02
N ARG A 418 14.85 -1.42 -21.11
CA ARG A 418 14.13 -0.25 -20.57
C ARG A 418 15.03 0.61 -19.69
N GLY A 419 16.21 0.08 -19.35
CA GLY A 419 17.19 0.80 -18.56
C GLY A 419 17.05 0.64 -17.06
N TRP A 420 16.35 -0.38 -16.59
CA TRP A 420 16.08 -0.52 -15.15
C TRP A 420 17.31 -0.97 -14.36
N TYR A 421 18.35 -1.42 -15.10
CA TYR A 421 19.64 -1.75 -14.50
C TYR A 421 20.84 -1.65 -15.47
N LEU B 5 5.80 -3.41 19.72
CA LEU B 5 4.53 -2.65 19.89
C LEU B 5 4.25 -1.90 18.61
N ASN B 6 2.96 -1.76 18.28
CA ASN B 6 2.50 -1.18 17.01
C ASN B 6 1.97 0.25 17.22
N PRO B 7 2.72 1.26 16.72
CA PRO B 7 2.48 2.70 16.88
C PRO B 7 1.04 3.13 16.57
N LEU B 8 0.35 2.37 15.72
CA LEU B 8 -1.06 2.61 15.43
C LEU B 8 -1.96 2.62 16.65
N VAL B 9 -1.78 1.64 17.54
CA VAL B 9 -2.70 1.52 18.66
C VAL B 9 -2.80 2.82 19.48
N ALA B 10 -1.67 3.49 19.68
CA ALA B 10 -1.64 4.72 20.47
C ALA B 10 -2.48 5.80 19.78
N ALA B 11 -2.20 6.00 18.50
CA ALA B 11 -2.98 6.89 17.62
C ALA B 11 -4.48 6.57 17.61
N GLN B 12 -4.79 5.28 17.46
CA GLN B 12 -6.17 4.78 17.41
C GLN B 12 -6.87 4.99 18.75
N GLU B 13 -6.14 4.76 19.83
CA GLU B 13 -6.70 4.91 21.16
C GLU B 13 -7.14 6.33 21.40
N LYS B 14 -6.37 7.30 20.90
CA LYS B 14 -6.73 8.72 20.99
C LYS B 14 -8.07 8.99 20.30
N VAL B 15 -8.29 8.37 19.13
CA VAL B 15 -9.59 8.38 18.48
C VAL B 15 -10.66 7.70 19.36
N ARG B 16 -10.41 6.46 19.75
CA ARG B 16 -11.36 5.72 20.60
C ARG B 16 -11.79 6.53 21.84
N ILE B 17 -10.83 7.13 22.54
CA ILE B 17 -11.12 7.93 23.75
C ILE B 17 -11.91 9.21 23.41
N ALA B 18 -11.51 9.91 22.36
CA ALA B 18 -12.18 11.15 21.96
C ALA B 18 -13.63 10.91 21.56
N CYS B 19 -13.84 9.96 20.66
CA CYS B 19 -15.17 9.58 20.20
C CYS B 19 -16.07 9.15 21.36
N GLU B 20 -15.44 8.59 22.39
CA GLU B 20 -16.14 8.07 23.55
C GLU B 20 -16.71 9.19 24.41
N LYS B 21 -15.98 10.30 24.51
CA LYS B 21 -16.44 11.41 25.36
C LYS B 21 -17.28 12.40 24.57
N LEU B 22 -17.08 12.43 23.25
CA LEU B 22 -17.93 13.17 22.34
C LEU B 22 -19.32 12.56 22.21
N GLY B 23 -19.41 11.23 22.31
CA GLY B 23 -20.65 10.50 22.08
C GLY B 23 -21.03 10.37 20.60
N CYS B 24 -20.05 10.51 19.71
CA CYS B 24 -20.32 10.40 18.29
C CYS B 24 -20.63 8.96 17.90
N ASP B 25 -21.08 8.79 16.65
CA ASP B 25 -21.55 7.52 16.10
C ASP B 25 -20.39 6.52 16.06
N PRO B 26 -20.67 5.22 16.20
CA PRO B 26 -19.61 4.21 16.10
C PRO B 26 -18.88 4.18 14.74
N ALA B 27 -19.54 4.63 13.67
CA ALA B 27 -18.91 4.68 12.36
C ALA B 27 -17.70 5.58 12.38
N VAL B 28 -17.78 6.66 13.17
CA VAL B 28 -16.72 7.65 13.24
C VAL B 28 -15.40 6.97 13.57
N TYR B 29 -15.44 6.06 14.54
CA TYR B 29 -14.21 5.39 14.90
C TYR B 29 -13.81 4.40 13.82
N GLU B 30 -14.80 3.67 13.29
CA GLU B 30 -14.59 2.67 12.26
C GLU B 30 -13.94 3.29 11.02
N LEU B 31 -14.41 4.47 10.63
CA LEU B 31 -13.88 5.15 9.45
C LEU B 31 -12.49 5.72 9.69
N LEU B 32 -12.24 6.17 10.92
CA LEU B 32 -11.01 6.85 11.29
C LEU B 32 -9.95 5.88 11.78
N LYS B 33 -10.42 4.68 12.16
CA LYS B 33 -9.57 3.53 12.58
C LYS B 33 -8.29 3.39 11.75
N GLU B 34 -8.39 3.61 10.43
CA GLU B 34 -7.29 3.40 9.48
C GLU B 34 -7.29 4.27 8.22
N PRO B 35 -6.09 4.44 7.62
CA PRO B 35 -5.93 5.23 6.43
C PRO B 35 -6.88 4.83 5.32
N GLN B 36 -7.31 5.84 4.57
CA GLN B 36 -8.14 5.63 3.39
C GLN B 36 -7.32 4.92 2.33
N ARG B 37 -6.01 5.18 2.28
CA ARG B 37 -5.18 4.66 1.20
C ARG B 37 -3.71 4.62 1.60
N VAL B 38 -3.06 3.49 1.40
CA VAL B 38 -1.62 3.44 1.57
C VAL B 38 -0.99 2.76 0.36
N ILE B 39 -0.03 3.46 -0.26
CA ILE B 39 0.78 2.91 -1.35
C ILE B 39 2.20 2.54 -0.88
N GLU B 40 2.59 1.30 -1.13
CA GLU B 40 3.96 0.87 -0.87
C GLU B 40 4.69 0.61 -2.18
N ILE B 41 5.79 1.31 -2.42
CA ILE B 41 6.55 1.12 -3.67
C ILE B 41 8.01 0.66 -3.54
N SER B 42 8.52 0.06 -4.61
CA SER B 42 9.90 -0.38 -4.69
C SER B 42 10.65 0.56 -5.58
N ILE B 43 11.51 1.39 -4.99
CA ILE B 43 12.22 2.43 -5.74
C ILE B 43 13.61 1.96 -6.06
N PRO B 44 13.87 1.61 -7.34
CA PRO B 44 15.23 1.22 -7.70
C PRO B 44 16.18 2.44 -7.86
N VAL B 45 17.39 2.32 -7.31
CA VAL B 45 18.40 3.32 -7.53
C VAL B 45 19.62 2.68 -8.19
N LYS B 46 20.00 3.24 -9.32
CA LYS B 46 21.28 2.92 -9.96
C LYS B 46 22.38 3.63 -9.19
N MET B 47 23.06 2.89 -8.34
CA MET B 47 24.05 3.44 -7.43
C MET B 47 25.31 3.90 -8.17
N ASP B 48 26.11 4.76 -7.54
CA ASP B 48 27.24 5.41 -8.23
C ASP B 48 28.25 4.42 -8.77
N ASP B 49 28.48 3.34 -8.03
CA ASP B 49 29.35 2.27 -8.48
C ASP B 49 28.74 1.43 -9.63
N GLY B 50 27.53 1.79 -10.04
CA GLY B 50 26.81 1.04 -11.08
C GLY B 50 26.27 -0.27 -10.52
N THR B 51 25.13 -0.19 -9.84
CA THR B 51 24.58 -1.26 -9.03
C THR B 51 23.13 -0.88 -8.91
N VAL B 52 22.34 -1.79 -8.37
CA VAL B 52 20.95 -1.46 -8.12
C VAL B 52 20.66 -1.86 -6.70
N LYS B 53 20.12 -0.90 -5.95
CA LYS B 53 19.54 -1.19 -4.66
C LYS B 53 18.13 -0.64 -4.69
N VAL B 54 17.17 -1.43 -4.23
CA VAL B 54 15.78 -1.01 -4.23
C VAL B 54 15.36 -0.68 -2.82
N PHE B 55 14.85 0.53 -2.64
CA PHE B 55 14.41 1.01 -1.35
C PHE B 55 12.89 1.02 -1.31
N LYS B 56 12.33 0.62 -0.18
CA LYS B 56 10.88 0.70 0.01
C LYS B 56 10.47 2.11 0.40
N GLY B 57 9.32 2.51 -0.09
CA GLY B 57 8.76 3.82 0.20
C GLY B 57 7.27 3.74 0.37
N TRP B 58 6.71 4.71 1.10
CA TRP B 58 5.28 4.72 1.38
C TRP B 58 4.71 6.12 1.31
N ARG B 59 3.46 6.21 0.90
CA ARG B 59 2.62 7.34 1.26
C ARG B 59 1.29 6.81 1.78
N SER B 60 0.85 7.35 2.91
CA SER B 60 -0.40 6.97 3.54
C SER B 60 -1.30 8.16 3.63
N ALA B 61 -2.37 8.18 2.85
CA ALA B 61 -3.43 9.17 3.03
C ALA B 61 -4.37 8.71 4.16
N HIS B 62 -4.31 9.34 5.32
CA HIS B 62 -5.19 8.90 6.38
C HIS B 62 -6.63 9.32 6.13
N SER B 63 -6.80 10.60 5.85
CA SER B 63 -8.12 11.18 5.67
C SER B 63 -8.13 12.34 4.69
N SER B 64 -9.18 12.38 3.87
CA SER B 64 -9.46 13.57 3.09
C SER B 64 -10.86 14.13 3.40
N ALA B 65 -11.44 13.72 4.52
CA ALA B 65 -12.80 14.07 4.86
C ALA B 65 -13.02 15.55 4.75
N VAL B 66 -12.15 16.29 5.40
CA VAL B 66 -12.26 17.75 5.54
C VAL B 66 -11.61 18.52 4.39
N GLY B 67 -10.60 17.91 3.76
CA GLY B 67 -9.86 18.57 2.68
C GLY B 67 -8.84 17.61 2.09
N PRO B 68 -7.93 18.12 1.26
CA PRO B 68 -6.88 17.23 0.76
C PRO B 68 -5.94 16.75 1.86
N SER B 69 -5.17 15.71 1.58
CA SER B 69 -4.29 15.16 2.58
C SER B 69 -3.01 15.92 2.66
N LYS B 70 -2.44 16.00 3.85
CA LYS B 70 -1.19 16.71 4.04
C LYS B 70 -0.37 16.13 5.19
N GLY B 71 0.92 15.95 4.94
CA GLY B 71 1.88 15.57 5.97
C GLY B 71 3.24 15.23 5.35
N GLY B 72 4.26 15.16 6.20
CA GLY B 72 5.64 15.06 5.75
C GLY B 72 6.17 13.70 5.31
N VAL B 73 7.39 13.72 4.76
CA VAL B 73 8.07 12.50 4.34
C VAL B 73 9.32 12.23 5.17
N ARG B 74 9.45 10.99 5.62
CA ARG B 74 10.56 10.55 6.49
C ARG B 74 11.60 9.69 5.77
N PHE B 75 12.87 10.04 5.95
CA PHE B 75 13.95 9.20 5.47
C PHE B 75 14.70 8.65 6.68
N HIS B 76 14.08 7.71 7.39
CA HIS B 76 14.69 7.08 8.57
C HIS B 76 14.83 5.58 8.27
N PRO B 77 15.74 4.88 8.95
CA PRO B 77 15.74 3.44 8.69
C PRO B 77 14.67 2.69 9.48
N ASN B 78 13.97 3.40 10.38
CA ASN B 78 12.98 2.80 11.28
C ASN B 78 11.59 2.80 10.65
N VAL B 79 11.39 3.69 9.69
CA VAL B 79 10.11 3.80 8.95
C VAL B 79 9.71 2.48 8.29
N ASN B 80 8.45 2.13 8.50
CA ASN B 80 7.82 0.95 7.93
C ASN B 80 6.35 1.33 7.72
N MET B 81 5.53 0.42 7.19
CA MET B 81 4.13 0.73 6.95
C MET B 81 3.37 1.20 8.20
N ASP B 82 3.62 0.52 9.33
CA ASP B 82 2.92 0.87 10.56
C ASP B 82 3.28 2.28 11.01
N GLU B 83 4.56 2.66 10.89
CA GLU B 83 5.01 4.02 11.26
C GLU B 83 4.18 5.05 10.55
N VAL B 84 4.20 4.97 9.21
CA VAL B 84 3.52 5.92 8.37
C VAL B 84 2.02 5.92 8.61
N LYS B 85 1.43 4.74 8.78
CA LYS B 85 0.00 4.66 9.05
C LYS B 85 -0.32 5.48 10.32
N ALA B 86 0.36 5.14 11.41
CA ALA B 86 0.22 5.87 12.70
C ALA B 86 0.48 7.37 12.56
N LEU B 87 1.55 7.72 11.86
CA LEU B 87 1.99 9.08 11.79
C LEU B 87 0.96 9.94 11.10
N SER B 88 0.41 9.40 10.01
CA SER B 88 -0.58 10.09 9.20
C SER B 88 -1.88 10.27 9.97
N LEU B 89 -2.20 9.30 10.83
CA LEU B 89 -3.33 9.46 11.72
C LEU B 89 -3.05 10.68 12.64
N TRP B 90 -1.88 10.71 13.28
CA TRP B 90 -1.49 11.87 14.08
C TRP B 90 -1.64 13.19 13.31
N MET B 91 -1.31 13.16 12.03
CA MET B 91 -1.48 14.36 11.17
C MET B 91 -2.93 14.84 11.06
N THR B 92 -3.84 13.91 10.85
CA THR B 92 -5.26 14.25 10.85
C THR B 92 -5.60 15.09 12.10
N PHE B 93 -5.16 14.64 13.27
CA PHE B 93 -5.28 15.44 14.50
C PHE B 93 -4.57 16.79 14.35
N LYS B 94 -3.25 16.76 14.14
CA LYS B 94 -2.47 18.00 14.01
C LYS B 94 -3.23 19.07 13.22
N GLY B 95 -3.75 18.67 12.05
CA GLY B 95 -4.51 19.55 11.16
C GLY B 95 -5.80 20.04 11.75
N GLY B 96 -6.71 19.11 12.08
CA GLY B 96 -8.04 19.46 12.59
C GLY B 96 -7.97 20.34 13.82
N ALA B 97 -6.90 20.16 14.59
CA ALA B 97 -6.70 20.92 15.78
C ALA B 97 -6.74 22.41 15.43
N LEU B 98 -6.13 22.75 14.30
CA LEU B 98 -6.11 24.12 13.85
C LEU B 98 -7.37 24.48 13.08
N GLY B 99 -8.03 23.44 12.56
CA GLY B 99 -9.26 23.60 11.79
C GLY B 99 -8.91 23.99 10.38
N LEU B 100 -7.90 23.32 9.83
CA LEU B 100 -7.42 23.59 8.47
C LEU B 100 -8.18 22.72 7.51
N PRO B 101 -8.31 23.18 6.25
CA PRO B 101 -9.06 22.37 5.31
C PRO B 101 -8.14 21.30 4.76
N TYR B 102 -7.63 20.46 5.66
CA TYR B 102 -6.89 19.28 5.27
C TYR B 102 -7.36 18.04 6.01
N GLY B 103 -6.72 16.93 5.66
CA GLY B 103 -6.83 15.66 6.35
C GLY B 103 -5.39 15.22 6.52
N GLY B 104 -5.19 14.15 7.27
CA GLY B 104 -3.84 13.67 7.54
C GLY B 104 -3.27 12.84 6.41
N GLY B 105 -2.00 13.05 6.10
CA GLY B 105 -1.23 12.21 5.21
C GLY B 105 0.19 12.13 5.72
N LYS B 106 0.92 11.12 5.27
CA LYS B 106 2.35 10.98 5.57
C LYS B 106 3.03 9.96 4.66
N GLY B 107 4.35 10.06 4.54
CA GLY B 107 5.10 9.16 3.71
C GLY B 107 6.47 8.95 4.30
N GLY B 108 7.27 8.11 3.66
CA GLY B 108 8.60 7.82 4.14
C GLY B 108 9.35 6.95 3.16
N ILE B 109 10.64 6.79 3.40
CA ILE B 109 11.46 5.82 2.69
C ILE B 109 12.37 5.18 3.71
N CYS B 110 12.33 3.84 3.79
CA CYS B 110 13.23 3.10 4.67
C CYS B 110 14.61 3.13 4.04
N VAL B 111 15.40 4.10 4.50
CA VAL B 111 16.73 4.37 4.01
C VAL B 111 17.56 4.92 5.15
N ASP B 112 18.88 4.77 5.06
CA ASP B 112 19.78 5.60 5.84
C ASP B 112 20.43 6.60 4.89
N PRO B 113 19.81 7.79 4.73
CA PRO B 113 20.33 8.77 3.78
C PRO B 113 21.80 9.09 4.02
N ALA B 114 22.30 8.86 5.24
CA ALA B 114 23.71 9.00 5.51
C ALA B 114 24.53 8.14 4.53
N GLU B 115 24.10 6.88 4.35
CA GLU B 115 24.79 5.94 3.46
C GLU B 115 24.78 6.39 1.98
N LEU B 116 24.03 7.41 1.65
CA LEU B 116 23.85 7.81 0.24
C LEU B 116 24.66 9.02 -0.25
N SER B 117 25.05 8.93 -1.52
CA SER B 117 25.66 10.01 -2.24
C SER B 117 24.55 10.98 -2.57
N GLU B 118 24.90 12.23 -2.84
CA GLU B 118 23.84 13.19 -3.11
C GLU B 118 23.20 13.09 -4.49
N ARG B 119 23.83 12.44 -5.46
CA ARG B 119 23.09 12.16 -6.70
C ARG B 119 22.20 10.94 -6.51
N GLU B 120 22.67 10.04 -5.65
CA GLU B 120 21.91 8.87 -5.24
C GLU B 120 20.67 9.32 -4.48
N LEU B 121 20.85 10.22 -3.53
CA LEU B 121 19.75 10.78 -2.77
C LEU B 121 18.69 11.44 -3.65
N GLU B 122 19.14 12.16 -4.68
CA GLU B 122 18.20 12.80 -5.62
C GLU B 122 17.38 11.75 -6.40
N GLN B 123 18.07 10.73 -6.92
CA GLN B 123 17.45 9.68 -7.70
C GLN B 123 16.40 8.91 -6.90
N LEU B 124 16.72 8.63 -5.64
CA LEU B 124 15.76 8.12 -4.68
C LEU B 124 14.53 9.04 -4.58
N SER B 125 14.76 10.33 -4.34
CA SER B 125 13.67 11.29 -4.14
C SER B 125 12.80 11.39 -5.39
N ARG B 126 13.44 11.50 -6.53
CA ARG B 126 12.73 11.53 -7.79
C ARG B 126 11.99 10.22 -7.98
N GLY B 127 12.62 9.12 -7.56
CA GLY B 127 12.06 7.78 -7.74
C GLY B 127 10.85 7.55 -6.87
N TRP B 128 10.84 8.20 -5.70
CA TRP B 128 9.68 8.19 -4.81
C TRP B 128 8.48 8.82 -5.51
N VAL B 129 8.64 10.03 -6.04
CA VAL B 129 7.57 10.69 -6.76
C VAL B 129 7.09 9.83 -7.93
N ARG B 130 8.04 9.37 -8.73
CA ARG B 130 7.75 8.57 -9.90
C ARG B 130 6.94 7.35 -9.55
N GLY B 131 6.94 6.98 -8.27
CA GLY B 131 6.19 5.81 -7.85
C GLY B 131 4.74 6.09 -7.49
N LEU B 132 4.43 7.32 -7.10
CA LEU B 132 3.12 7.64 -6.51
C LEU B 132 2.41 8.82 -7.15
N TYR B 133 3.07 9.52 -8.07
CA TYR B 133 2.54 10.82 -8.50
C TYR B 133 1.02 10.85 -8.77
N LYS B 134 0.43 9.76 -9.23
CA LYS B 134 -0.98 9.83 -9.57
C LYS B 134 -1.88 10.01 -8.34
N TYR B 135 -1.36 9.74 -7.15
CA TYR B 135 -2.13 10.01 -5.94
C TYR B 135 -1.50 11.13 -5.11
N LEU B 136 -0.90 12.08 -5.81
CA LEU B 136 -0.42 13.30 -5.19
C LEU B 136 -0.92 14.50 -6.00
N GLY B 137 -1.02 15.65 -5.34
CA GLY B 137 -1.37 16.86 -6.04
C GLY B 137 -1.85 17.89 -5.04
N ASP B 138 -1.70 19.16 -5.42
CA ASP B 138 -2.08 20.28 -4.57
C ASP B 138 -3.55 20.26 -4.09
N ARG B 139 -4.34 19.34 -4.66
CA ARG B 139 -5.74 19.10 -4.24
C ARG B 139 -6.08 17.62 -4.03
N ILE B 140 -5.04 16.78 -3.93
CA ILE B 140 -5.22 15.42 -3.48
C ILE B 140 -4.46 15.21 -2.17
N ASP B 141 -3.13 15.25 -2.26
CA ASP B 141 -2.27 14.95 -1.13
C ASP B 141 -0.97 15.75 -1.20
N ILE B 142 -0.65 16.48 -0.14
CA ILE B 142 0.45 17.42 -0.18
C ILE B 142 1.52 17.02 0.82
N PRO B 143 2.62 16.46 0.33
CA PRO B 143 3.80 16.13 1.15
C PRO B 143 4.64 17.34 1.57
N ALA B 144 5.33 17.22 2.71
CA ALA B 144 6.14 18.27 3.32
C ALA B 144 7.37 17.61 3.95
N PRO B 145 8.32 18.39 4.50
CA PRO B 145 9.45 17.75 5.20
C PRO B 145 9.11 17.08 6.54
N ASP B 146 9.79 15.97 6.82
CA ASP B 146 9.87 15.44 8.16
C ASP B 146 11.33 15.05 8.43
N VAL B 147 11.55 14.16 9.39
CA VAL B 147 12.92 13.74 9.75
C VAL B 147 13.74 13.37 8.50
N ASN B 148 14.96 13.92 8.46
CA ASN B 148 15.90 13.73 7.36
C ASN B 148 15.46 14.26 5.99
N THR B 149 14.38 15.02 5.95
CA THR B 149 14.05 15.73 4.73
C THR B 149 13.97 17.23 4.97
N ASN B 150 14.24 17.98 3.92
CA ASN B 150 14.23 19.44 3.95
C ASN B 150 13.72 19.98 2.61
N GLY B 151 13.86 21.30 2.45
CA GLY B 151 13.48 22.02 1.23
C GLY B 151 14.27 21.60 0.01
N GLN B 152 15.44 21.00 0.21
CA GLN B 152 16.18 20.43 -0.90
C GLN B 152 15.44 19.19 -1.46
N ILE B 153 15.08 18.24 -0.61
CA ILE B 153 14.30 17.11 -1.09
C ILE B 153 12.96 17.55 -1.70
N MET B 154 12.28 18.52 -1.06
CA MET B 154 11.03 19.03 -1.59
C MET B 154 11.25 19.57 -2.99
N SER B 155 12.33 20.34 -3.17
CA SER B 155 12.67 20.91 -4.48
C SER B 155 12.92 19.82 -5.54
N TRP B 156 13.47 18.69 -5.14
CA TRP B 156 13.61 17.59 -6.08
C TRP B 156 12.26 16.97 -6.35
N PHE B 157 11.47 16.85 -5.29
CA PHE B 157 10.13 16.31 -5.42
C PHE B 157 9.31 17.13 -6.45
N VAL B 158 9.32 18.45 -6.26
CA VAL B 158 8.59 19.37 -7.13
C VAL B 158 9.04 19.28 -8.59
N ASP B 159 10.35 19.30 -8.83
CA ASP B 159 10.89 19.16 -10.19
C ASP B 159 10.37 17.93 -10.91
N GLU B 160 10.48 16.77 -10.29
CA GLU B 160 10.05 15.53 -10.94
C GLU B 160 8.51 15.50 -11.09
N TYR B 161 7.83 15.96 -10.05
CA TYR B 161 6.41 15.99 -10.08
C TYR B 161 5.90 16.81 -11.26
N VAL B 162 6.44 18.02 -11.46
CA VAL B 162 6.03 18.91 -12.57
C VAL B 162 6.18 18.24 -13.92
N LYS B 163 7.26 17.50 -14.06
CA LYS B 163 7.56 16.80 -15.28
C LYS B 163 6.45 15.79 -15.51
N LEU B 164 6.01 15.15 -14.44
CA LEU B 164 5.04 14.09 -14.55
C LEU B 164 3.65 14.68 -14.70
N ASN B 165 3.48 15.89 -14.23
CA ASN B 165 2.20 16.57 -14.21
C ASN B 165 1.88 17.36 -15.48
N GLY B 166 2.38 16.95 -16.63
CA GLY B 166 2.07 17.63 -17.87
C GLY B 166 2.65 19.03 -17.89
N GLU B 167 3.64 19.26 -17.04
CA GLU B 167 4.46 20.47 -17.04
C GLU B 167 3.77 21.59 -16.33
N ARG B 168 2.61 21.30 -15.78
CA ARG B 168 1.90 22.30 -14.99
C ARG B 168 2.57 22.43 -13.64
N MET B 169 2.99 23.64 -13.34
CA MET B 169 3.70 23.90 -12.12
C MET B 169 2.76 24.07 -10.93
N ASP B 170 2.15 22.97 -10.51
CA ASP B 170 1.41 22.96 -9.26
C ASP B 170 2.37 22.83 -8.05
N ILE B 171 3.12 23.90 -7.81
CA ILE B 171 4.17 23.81 -6.81
C ILE B 171 3.68 23.61 -5.36
N GLY B 172 2.48 24.09 -5.04
CA GLY B 172 1.83 23.78 -3.76
C GLY B 172 1.49 22.30 -3.54
N THR B 173 2.03 21.40 -4.36
CA THR B 173 1.86 19.97 -4.17
C THR B 173 2.84 19.50 -3.10
N PHE B 174 3.85 20.33 -2.83
CA PHE B 174 4.81 20.06 -1.76
C PHE B 174 5.03 21.35 -1.03
N THR B 175 4.97 21.29 0.30
CA THR B 175 5.26 22.47 1.06
C THR B 175 6.59 22.25 1.73
N GLY B 176 7.04 23.26 2.47
CA GLY B 176 8.33 23.22 3.11
C GLY B 176 9.42 23.51 2.11
N LYS B 177 9.05 24.14 1.00
CA LYS B 177 10.02 24.63 0.00
C LYS B 177 10.80 25.85 0.49
N PRO B 178 12.01 26.05 -0.06
CA PRO B 178 12.75 27.31 0.11
C PRO B 178 11.95 28.52 -0.37
N VAL B 179 12.06 29.65 0.32
CA VAL B 179 11.52 30.92 -0.23
C VAL B 179 11.98 31.11 -1.68
N ALA B 180 13.26 30.85 -1.93
CA ALA B 180 13.82 30.95 -3.26
C ALA B 180 13.05 30.15 -4.31
N PHE B 181 12.22 29.20 -3.89
CA PHE B 181 11.44 28.43 -4.84
C PHE B 181 9.98 28.22 -4.40
N GLY B 182 9.32 29.33 -4.09
CA GLY B 182 7.88 29.31 -3.87
C GLY B 182 7.50 28.84 -2.50
N GLY B 183 8.47 28.86 -1.58
CA GLY B 183 8.18 28.64 -0.18
C GLY B 183 7.64 29.94 0.35
N SER B 184 7.54 30.04 1.67
CA SER B 184 6.87 31.15 2.32
C SER B 184 7.74 31.72 3.44
N GLU B 185 7.57 33.02 3.67
CA GLU B 185 8.19 33.73 4.78
C GLU B 185 7.62 33.21 6.08
N GLY B 186 8.38 33.43 7.17
CA GLY B 186 7.88 33.14 8.51
C GLY B 186 7.99 31.69 8.93
N ARG B 187 8.47 30.88 8.00
CA ARG B 187 8.64 29.43 8.17
C ARG B 187 9.49 29.02 9.35
N ASN B 188 10.75 29.41 9.26
CA ASN B 188 11.77 28.94 10.18
C ASN B 188 11.42 29.21 11.65
N GLU B 189 10.85 30.38 11.93
CA GLU B 189 10.48 30.69 13.30
C GLU B 189 8.97 30.60 13.56
N ALA B 190 8.26 29.82 12.73
CA ALA B 190 6.79 29.69 12.86
C ALA B 190 6.34 29.09 14.19
N THR B 191 6.85 27.89 14.49
CA THR B 191 6.42 27.15 15.66
C THR B 191 6.69 27.96 16.93
N GLY B 192 7.89 28.54 17.02
CA GLY B 192 8.27 29.38 18.12
C GLY B 192 7.33 30.55 18.30
N PHE B 193 7.01 31.22 17.19
CA PHE B 193 5.99 32.27 17.17
C PHE B 193 4.65 31.71 17.68
N GLY B 194 4.25 30.55 17.15
CA GLY B 194 3.05 29.86 17.59
C GLY B 194 2.96 29.71 19.11
N VAL B 195 3.94 29.04 19.70
CA VAL B 195 3.90 28.72 21.12
C VAL B 195 3.81 29.98 21.98
N ALA B 196 4.57 31.01 21.61
CA ALA B 196 4.51 32.30 22.30
C ALA B 196 3.10 32.86 22.32
N VAL B 197 2.44 32.93 21.16
CA VAL B 197 1.04 33.36 21.11
C VAL B 197 0.20 32.58 22.13
N VAL B 198 0.25 31.25 22.03
CA VAL B 198 -0.53 30.36 22.90
C VAL B 198 -0.17 30.54 24.37
N VAL B 199 1.12 30.67 24.67
CA VAL B 199 1.57 31.00 26.03
C VAL B 199 0.80 32.21 26.60
N ARG B 200 0.73 33.30 25.84
CA ARG B 200 0.04 34.52 26.27
C ARG B 200 -1.46 34.35 26.49
N GLU B 201 -2.14 33.74 25.53
CA GLU B 201 -3.59 33.56 25.60
C GLU B 201 -4.00 32.58 26.70
N SER B 202 -3.19 31.55 26.92
CA SER B 202 -3.42 30.60 28.00
C SER B 202 -3.37 31.36 29.32
N ALA B 203 -2.24 32.02 29.56
CA ALA B 203 -2.01 32.82 30.76
C ALA B 203 -3.16 33.76 30.99
N LYS B 204 -3.50 34.53 29.95
CA LYS B 204 -4.59 35.50 29.99
C LYS B 204 -5.89 34.84 30.45
N ARG B 205 -6.19 33.67 29.89
CA ARG B 205 -7.40 32.94 30.23
C ARG B 205 -7.35 32.30 31.62
N PHE B 206 -6.14 32.03 32.13
CA PHE B 206 -6.00 31.50 33.47
C PHE B 206 -5.63 32.57 34.51
N GLY B 207 -5.82 33.83 34.13
CA GLY B 207 -5.62 34.97 35.02
C GLY B 207 -4.17 35.26 35.32
N ILE B 208 -3.32 35.24 34.29
CA ILE B 208 -1.92 35.59 34.42
C ILE B 208 -1.55 36.62 33.35
N LYS B 209 -0.92 37.71 33.77
CA LYS B 209 -0.54 38.79 32.87
C LYS B 209 0.90 38.56 32.41
N MET B 210 1.13 38.69 31.11
CA MET B 210 2.40 38.29 30.50
C MET B 210 3.63 38.96 31.05
N GLU B 211 3.68 40.30 30.99
CA GLU B 211 4.82 41.03 31.52
C GLU B 211 4.99 40.84 33.03
N ASP B 212 4.03 40.16 33.65
CA ASP B 212 3.91 40.16 35.11
C ASP B 212 4.24 38.84 35.80
N ALA B 213 4.60 37.83 35.03
CA ALA B 213 5.03 36.57 35.61
C ALA B 213 6.15 35.99 34.76
N LYS B 214 7.22 35.57 35.41
CA LYS B 214 8.40 35.09 34.70
C LYS B 214 8.26 33.61 34.39
N ILE B 215 9.10 33.13 33.46
CA ILE B 215 8.82 31.89 32.75
C ILE B 215 10.07 31.02 32.58
N ALA B 216 9.86 29.71 32.56
CA ALA B 216 10.93 28.74 32.33
C ALA B 216 10.76 27.95 31.02
N VAL B 217 11.82 27.93 30.22
CA VAL B 217 11.82 27.18 28.97
C VAL B 217 12.88 26.09 29.02
N GLN B 218 12.43 24.83 28.94
CA GLN B 218 13.34 23.70 28.90
C GLN B 218 13.76 23.46 27.46
N GLY B 219 15.02 23.68 27.16
CA GLY B 219 15.52 23.54 25.80
C GLY B 219 15.62 24.87 25.08
N PHE B 220 16.68 25.01 24.30
CA PHE B 220 16.92 26.19 23.49
C PHE B 220 17.35 25.72 22.11
N GLY B 221 16.61 24.75 21.58
CA GLY B 221 16.81 24.24 20.22
C GLY B 221 16.25 25.25 19.24
N ASN B 222 15.86 24.80 18.06
CA ASN B 222 15.17 25.71 17.18
C ASN B 222 13.91 26.25 17.85
N VAL B 223 13.07 25.34 18.33
CA VAL B 223 11.81 25.69 18.99
C VAL B 223 12.06 26.69 20.13
N GLY B 224 12.89 26.30 21.08
CA GLY B 224 13.17 27.11 22.25
C GLY B 224 13.75 28.47 21.91
N THR B 225 14.73 28.49 21.01
CA THR B 225 15.30 29.74 20.53
C THR B 225 14.19 30.74 20.20
N PHE B 226 13.24 30.31 19.37
CA PHE B 226 12.25 31.24 18.84
C PHE B 226 11.02 31.41 19.72
N THR B 227 10.87 30.55 20.73
CA THR B 227 9.81 30.77 21.72
C THR B 227 10.22 31.84 22.76
N VAL B 228 11.48 31.83 23.22
CA VAL B 228 11.91 32.92 24.11
C VAL B 228 11.95 34.23 23.35
N LYS B 229 12.25 34.17 22.05
CA LYS B 229 12.32 35.36 21.20
C LYS B 229 10.98 36.07 21.21
N ASN B 230 9.93 35.32 20.91
CA ASN B 230 8.61 35.90 20.76
C ASN B 230 7.90 36.19 22.09
N ILE B 231 8.38 35.56 23.15
CA ILE B 231 7.92 35.92 24.47
C ILE B 231 8.38 37.36 24.73
N GLU B 232 9.64 37.65 24.40
CA GLU B 232 10.17 39.02 24.48
C GLU B 232 9.39 39.92 23.51
N ARG B 233 9.24 39.47 22.27
CA ARG B 233 8.47 40.20 21.26
C ARG B 233 7.05 40.51 21.72
N GLN B 234 6.52 39.71 22.64
CA GLN B 234 5.17 39.95 23.14
C GLN B 234 5.04 40.52 24.57
N GLY B 235 6.11 41.13 25.06
CA GLY B 235 6.06 41.87 26.32
C GLY B 235 6.50 41.10 27.55
N GLY B 236 6.53 39.76 27.42
CA GLY B 236 7.04 38.90 28.50
C GLY B 236 8.55 38.75 28.48
N LYS B 237 9.05 37.84 29.31
CA LYS B 237 10.48 37.51 29.31
C LYS B 237 10.77 36.24 30.10
N VAL B 238 11.89 35.59 29.76
CA VAL B 238 12.23 34.29 30.34
C VAL B 238 13.38 34.36 31.34
N CYS B 239 13.13 33.95 32.58
CA CYS B 239 14.21 33.90 33.57
C CYS B 239 15.06 32.62 33.42
N ALA B 240 14.42 31.47 33.58
CA ALA B 240 15.13 30.19 33.56
C ALA B 240 15.09 29.55 32.17
N ILE B 241 16.25 29.22 31.62
CA ILE B 241 16.29 28.36 30.43
C ILE B 241 16.42 26.86 30.82
N ALA B 242 17.54 26.22 30.48
CA ALA B 242 17.75 24.75 30.56
C ALA B 242 18.18 24.22 29.20
N GLU B 243 19.16 23.32 29.23
CA GLU B 243 19.85 22.85 28.01
C GLU B 243 20.79 21.69 28.35
N TRP B 244 21.38 21.07 27.32
CA TRP B 244 22.22 19.90 27.50
C TRP B 244 23.57 20.00 26.79
N ASP B 245 24.61 19.48 27.43
CA ASP B 245 25.93 19.26 26.80
C ASP B 245 26.60 17.91 27.16
N ARG B 246 27.93 17.83 27.13
CA ARG B 246 28.61 16.54 26.90
C ARG B 246 29.60 15.86 27.90
N ASN B 247 30.44 16.54 28.70
CA ASN B 247 30.56 17.99 28.95
C ASN B 247 29.38 18.62 29.74
N GLU B 248 28.93 17.93 30.80
CA GLU B 248 27.87 18.40 31.72
C GLU B 248 26.46 18.18 31.15
N GLY B 249 25.59 17.53 31.93
CA GLY B 249 24.22 17.21 31.49
C GLY B 249 23.25 18.38 31.57
N ASN B 250 22.00 18.09 31.98
CA ASN B 250 20.95 19.11 32.16
C ASN B 250 21.41 20.22 33.09
N TYR B 251 21.63 21.39 32.52
CA TYR B 251 21.96 22.60 33.29
C TYR B 251 20.84 23.61 33.03
N ALA B 252 20.77 24.66 33.84
CA ALA B 252 19.76 25.72 33.66
C ALA B 252 20.24 27.12 34.06
N LEU B 253 20.53 27.94 33.06
CA LEU B 253 20.86 29.36 33.27
C LEU B 253 19.66 30.12 33.82
N TYR B 254 19.95 31.14 34.62
CA TYR B 254 18.95 31.94 35.29
C TYR B 254 19.59 33.29 35.57
N ASN B 255 19.38 34.25 34.66
CA ASN B 255 19.87 35.62 34.86
C ASN B 255 18.77 36.55 35.42
N GLU B 256 17.88 35.97 36.22
CA GLU B 256 16.87 36.66 37.08
C GLU B 256 15.95 37.62 36.35
N ASN B 257 16.39 38.87 36.17
CA ASN B 257 15.67 39.83 35.32
C ASN B 257 15.24 39.24 33.96
N GLY B 258 15.90 38.15 33.54
CA GLY B 258 15.47 37.35 32.39
C GLY B 258 16.59 36.83 31.51
N ILE B 259 17.53 37.71 31.19
CA ILE B 259 18.53 37.45 30.14
C ILE B 259 17.94 37.73 28.76
N ASP B 260 18.48 38.76 28.11
CA ASP B 260 18.26 39.04 26.71
C ASP B 260 18.29 37.78 25.88
N PHE B 261 17.31 37.66 25.00
CA PHE B 261 17.39 36.68 23.92
C PHE B 261 18.49 37.14 22.97
N LYS B 262 18.48 38.43 22.67
CA LYS B 262 19.35 38.99 21.66
C LYS B 262 20.81 38.63 21.94
N GLU B 263 21.27 38.95 23.15
CA GLU B 263 22.65 38.68 23.54
C GLU B 263 22.94 37.18 23.71
N LEU B 264 21.94 36.43 24.20
CA LEU B 264 22.12 35.01 24.43
C LEU B 264 22.39 34.24 23.13
N LEU B 265 21.50 34.41 22.14
CA LEU B 265 21.64 33.80 20.80
C LEU B 265 23.00 34.13 20.21
N ALA B 266 23.37 35.41 20.26
CA ALA B 266 24.70 35.87 19.91
C ALA B 266 25.85 35.08 20.56
N TYR B 267 25.65 34.57 21.78
CA TYR B 267 26.71 33.76 22.41
C TYR B 267 26.67 32.29 21.97
N LYS B 268 25.52 31.82 21.49
CA LYS B 268 25.48 30.47 20.89
C LYS B 268 26.25 30.45 19.56
N GLU B 269 26.31 31.59 18.89
CA GLU B 269 27.28 31.81 17.82
C GLU B 269 28.62 32.03 18.49
N ALA B 270 29.66 31.40 17.94
CA ALA B 270 31.02 31.44 18.50
C ALA B 270 31.22 30.39 19.60
N ASN B 271 30.39 30.46 20.65
CA ASN B 271 30.52 29.55 21.80
C ASN B 271 29.88 28.17 21.59
N LYS B 272 29.04 28.06 20.55
CA LYS B 272 28.29 26.83 20.25
C LYS B 272 27.49 26.29 21.44
N THR B 273 27.57 26.99 22.57
CA THR B 273 26.83 26.65 23.78
C THR B 273 26.49 27.93 24.54
N ASP B 294 6.40 32.58 37.65
CA ASP B 294 5.26 31.68 37.51
C ASP B 294 5.68 30.38 36.81
N ILE B 295 5.41 30.33 35.49
CA ILE B 295 5.09 29.12 34.71
C ILE B 295 6.05 28.62 33.59
N ILE B 296 5.82 27.40 33.06
CA ILE B 296 6.85 26.60 32.37
C ILE B 296 6.51 26.08 30.95
N VAL B 297 7.49 26.21 30.05
CA VAL B 297 7.41 25.70 28.68
C VAL B 297 8.51 24.64 28.38
N PRO B 298 8.17 23.35 28.47
CA PRO B 298 9.13 22.34 28.02
C PRO B 298 9.31 22.31 26.50
N ALA B 299 10.54 22.54 26.03
CA ALA B 299 10.93 22.21 24.66
C ALA B 299 11.83 20.97 24.75
N ALA B 300 12.76 20.86 23.80
CA ALA B 300 13.66 19.69 23.73
C ALA B 300 12.89 18.36 23.73
N LEU B 301 13.20 17.46 24.66
CA LEU B 301 12.79 16.05 24.55
C LEU B 301 11.46 15.69 25.24
N GLU B 302 10.95 14.50 24.91
CA GLU B 302 9.71 13.98 25.45
C GLU B 302 10.02 13.34 26.80
N ASN B 303 8.97 12.91 27.51
CA ASN B 303 9.11 12.14 28.77
C ASN B 303 9.94 12.79 29.88
N VAL B 304 10.25 14.07 29.71
CA VAL B 304 10.50 14.97 30.83
C VAL B 304 9.10 15.14 31.44
N ILE B 305 9.02 15.62 32.68
CA ILE B 305 7.72 15.72 33.38
C ILE B 305 7.13 14.32 33.51
N THR B 306 7.87 13.45 34.19
CA THR B 306 7.34 12.15 34.58
C THR B 306 6.43 12.32 35.81
N GLY B 307 5.91 11.20 36.32
CA GLY B 307 5.11 11.22 37.56
C GLY B 307 5.81 11.91 38.72
N GLU B 308 7.11 11.65 38.90
CA GLU B 308 7.87 12.19 40.04
C GLU B 308 8.61 13.52 39.78
N ARG B 309 8.56 13.99 38.54
CA ARG B 309 8.98 15.36 38.24
C ARG B 309 7.78 16.31 38.36
N ALA B 310 6.59 15.80 38.03
CA ALA B 310 5.33 16.56 38.18
C ALA B 310 4.83 16.71 39.65
N LYS B 311 5.57 16.14 40.60
CA LYS B 311 5.33 16.38 42.03
C LYS B 311 6.22 17.52 42.51
N THR B 312 7.40 17.65 41.90
CA THR B 312 8.44 18.59 42.35
C THR B 312 8.28 19.99 41.78
N ILE B 313 7.28 20.15 40.92
CA ILE B 313 7.10 21.35 40.10
C ILE B 313 6.30 22.43 40.81
N ASN B 314 6.61 23.69 40.51
CA ASN B 314 5.96 24.85 41.13
C ASN B 314 5.60 25.86 40.07
N ALA B 315 4.43 25.66 39.46
CA ALA B 315 3.93 26.50 38.38
C ALA B 315 2.41 26.35 38.30
N LYS B 316 1.74 27.37 37.80
CA LYS B 316 0.29 27.29 37.60
C LYS B 316 -0.06 26.83 36.17
N LEU B 317 0.95 26.78 35.30
CA LEU B 317 0.71 26.47 33.88
C LEU B 317 1.88 25.83 33.13
N VAL B 318 1.57 24.79 32.37
CA VAL B 318 2.56 24.14 31.51
C VAL B 318 2.16 24.28 30.04
N CYS B 319 3.10 24.73 29.22
CA CYS B 319 2.86 24.86 27.80
C CYS B 319 3.82 24.00 27.00
N GLU B 320 3.29 22.89 26.50
CA GLU B 320 4.09 21.94 25.74
C GLU B 320 4.51 22.51 24.40
N ALA B 321 5.81 22.61 24.18
CA ALA B 321 6.34 23.04 22.89
C ALA B 321 6.93 21.84 22.17
N ALA B 322 7.52 20.93 22.91
CA ALA B 322 7.96 19.68 22.33
C ALA B 322 6.76 18.76 22.24
N ASN B 323 6.74 17.86 21.26
CA ASN B 323 5.82 16.72 21.31
C ASN B 323 6.33 15.80 22.41
N GLY B 324 5.42 15.31 23.24
CA GLY B 324 5.83 14.35 24.24
C GLY B 324 5.49 14.68 25.67
N PRO B 325 6.21 15.66 26.29
CA PRO B 325 6.53 15.81 27.75
C PRO B 325 5.39 15.57 28.77
N THR B 326 4.78 14.41 28.67
CA THR B 326 3.53 14.09 29.29
C THR B 326 3.76 12.65 29.50
N THR B 327 4.13 12.27 30.70
CA THR B 327 3.87 10.90 31.02
C THR B 327 2.39 10.97 31.41
N PRO B 328 1.53 10.21 30.70
CA PRO B 328 0.11 10.20 31.05
C PRO B 328 -0.10 10.05 32.57
N GLU B 329 0.86 9.42 33.24
CA GLU B 329 1.01 9.46 34.70
C GLU B 329 1.23 10.88 35.24
N GLY B 330 2.05 11.67 34.53
CA GLY B 330 2.32 13.06 34.88
C GLY B 330 1.08 13.94 34.81
N ASP B 331 0.38 13.89 33.67
CA ASP B 331 -0.91 14.56 33.49
C ASP B 331 -1.84 14.40 34.70
N LYS B 332 -1.87 13.20 35.27
CA LYS B 332 -2.79 12.86 36.36
C LYS B 332 -2.60 13.76 37.57
N VAL B 333 -1.35 13.86 38.05
CA VAL B 333 -1.03 14.69 39.21
C VAL B 333 -1.23 16.19 38.95
N LEU B 334 -0.81 16.65 37.76
CA LEU B 334 -1.03 18.05 37.37
C LEU B 334 -2.47 18.51 37.58
N THR B 335 -3.43 17.68 37.18
CA THR B 335 -4.85 17.96 37.36
C THR B 335 -5.22 18.07 38.83
N GLU B 336 -4.70 17.17 39.65
CA GLU B 336 -4.98 17.19 41.08
C GLU B 336 -4.17 18.29 41.80
N ARG B 337 -2.93 18.51 41.36
CA ARG B 337 -2.07 19.54 41.93
C ARG B 337 -2.57 20.96 41.54
N GLY B 338 -3.50 20.99 40.59
CA GLY B 338 -4.15 22.23 40.16
C GLY B 338 -3.43 22.96 39.03
N ILE B 339 -2.61 22.22 38.30
CA ILE B 339 -1.79 22.81 37.25
C ILE B 339 -2.39 22.56 35.85
N ASN B 340 -2.62 23.65 35.13
CA ASN B 340 -3.19 23.61 33.80
C ASN B 340 -2.12 23.32 32.77
N LEU B 341 -2.54 22.84 31.60
CA LEU B 341 -1.60 22.38 30.61
C LEU B 341 -2.14 22.53 29.20
N THR B 342 -1.43 23.31 28.40
CA THR B 342 -1.72 23.39 26.96
C THR B 342 -0.89 22.32 26.22
N PRO B 343 -1.57 21.39 25.51
CA PRO B 343 -0.97 20.25 24.84
C PRO B 343 -0.20 20.59 23.56
N ASP B 344 0.91 19.88 23.37
CA ASP B 344 1.79 20.06 22.21
C ASP B 344 1.00 20.32 20.94
N ILE B 345 0.26 19.31 20.48
CA ILE B 345 -0.52 19.36 19.25
C ILE B 345 -1.10 20.75 18.93
N LEU B 346 -1.59 21.44 19.95
CA LEU B 346 -2.09 22.81 19.78
C LEU B 346 -0.96 23.84 19.86
N THR B 347 -0.23 23.82 20.96
CA THR B 347 0.81 24.79 21.23
C THR B 347 1.89 24.91 20.14
N ASN B 348 2.28 23.79 19.54
CA ASN B 348 3.40 23.81 18.59
C ASN B 348 2.97 23.71 17.13
N SER B 349 1.73 24.13 16.83
CA SER B 349 1.14 23.88 15.52
C SER B 349 1.37 25.00 14.53
N GLY B 350 2.12 26.02 14.96
CA GLY B 350 2.40 27.19 14.12
C GLY B 350 3.16 26.83 12.86
N GLY B 351 4.11 25.92 13.01
CA GLY B 351 4.83 25.37 11.87
C GLY B 351 3.92 24.91 10.74
N VAL B 352 2.93 24.07 11.05
CA VAL B 352 2.05 23.52 10.00
C VAL B 352 1.08 24.58 9.57
N LEU B 353 0.72 25.46 10.50
CA LEU B 353 -0.08 26.63 10.15
C LEU B 353 0.62 27.39 9.03
N VAL B 354 1.92 27.63 9.18
CA VAL B 354 2.66 28.34 8.14
C VAL B 354 2.87 27.54 6.86
N SER B 355 2.96 26.21 7.00
CA SER B 355 3.03 25.27 5.88
C SER B 355 1.76 25.38 5.03
N TYR B 356 0.62 25.56 5.70
CA TYR B 356 -0.67 25.75 5.07
C TYR B 356 -0.69 27.03 4.28
N TYR B 357 -0.22 28.13 4.89
CA TYR B 357 -0.14 29.41 4.24
C TYR B 357 0.64 29.32 2.95
N GLU B 358 1.76 28.60 2.98
CA GLU B 358 2.59 28.38 1.80
C GLU B 358 1.75 27.80 0.68
N TRP B 359 0.99 26.77 0.99
CA TRP B 359 0.10 26.15 0.04
C TRP B 359 -0.90 27.14 -0.51
N VAL B 360 -1.49 27.95 0.38
CA VAL B 360 -2.41 28.99 -0.08
C VAL B 360 -1.73 29.89 -1.11
N GLN B 361 -0.54 30.39 -0.75
CA GLN B 361 0.18 31.32 -1.63
C GLN B 361 0.49 30.71 -2.99
N ASN B 362 0.71 29.39 -3.00
CA ASN B 362 0.96 28.63 -4.22
C ASN B 362 -0.21 28.50 -5.14
N GLN B 363 -1.39 28.59 -4.56
CA GLN B 363 -2.62 28.35 -5.28
C GLN B 363 -2.94 29.52 -6.15
N TYR B 364 -2.85 30.73 -5.61
CA TYR B 364 -3.08 31.90 -6.43
C TYR B 364 -1.78 32.57 -6.78
N GLY B 365 -0.67 31.97 -6.31
CA GLY B 365 0.68 32.44 -6.68
C GLY B 365 1.03 33.88 -6.30
N TYR B 366 0.51 34.33 -5.16
CA TYR B 366 0.89 35.62 -4.58
C TYR B 366 1.55 35.35 -3.21
N TYR B 367 2.67 35.99 -2.93
CA TYR B 367 3.51 35.63 -1.77
C TYR B 367 3.52 36.66 -0.65
N TRP B 368 3.31 36.19 0.56
CA TRP B 368 3.12 37.10 1.68
C TRP B 368 4.42 37.52 2.38
N THR B 369 4.40 38.64 3.08
CA THR B 369 5.59 39.08 3.78
C THR B 369 5.61 38.49 5.15
N GLU B 370 6.80 38.40 5.73
CA GLU B 370 6.96 37.94 7.09
C GLU B 370 6.00 38.61 8.07
N ALA B 371 5.78 39.92 7.92
CA ALA B 371 4.82 40.63 8.77
C ALA B 371 3.38 40.17 8.48
N GLU B 372 3.05 40.03 7.20
CA GLU B 372 1.72 39.57 6.83
C GLU B 372 1.48 38.15 7.31
N VAL B 373 2.55 37.36 7.39
CA VAL B 373 2.42 35.96 7.76
C VAL B 373 2.17 35.87 9.26
N GLU B 374 2.92 36.65 10.04
CA GLU B 374 2.72 36.72 11.48
C GLU B 374 1.32 37.24 11.82
N GLU B 375 0.89 38.31 11.15
CA GLU B 375 -0.42 38.88 11.43
C GLU B 375 -1.52 37.80 11.33
N LYS B 376 -1.52 37.06 10.23
CA LYS B 376 -2.45 35.97 10.03
C LYS B 376 -2.21 34.86 11.05
N GLN B 377 -0.94 34.57 11.28
CA GLN B 377 -0.57 33.48 12.19
C GLN B 377 -1.15 33.70 13.60
N GLU B 378 -1.03 34.93 14.11
CA GLU B 378 -1.65 35.30 15.38
C GLU B 378 -3.17 35.11 15.33
N ALA B 379 -3.81 35.70 14.31
CA ALA B 379 -5.26 35.60 14.13
C ALA B 379 -5.77 34.17 14.24
N ASP B 380 -5.09 33.26 13.54
CA ASP B 380 -5.53 31.89 13.40
C ASP B 380 -5.21 31.03 14.60
N MET B 381 -4.03 31.20 15.19
CA MET B 381 -3.73 30.54 16.46
C MET B 381 -4.82 30.88 17.46
N MET B 382 -5.17 32.15 17.56
CA MET B 382 -6.18 32.61 18.51
C MET B 382 -7.55 31.99 18.22
N LYS B 383 -7.85 31.79 16.95
CA LYS B 383 -9.08 31.15 16.58
C LYS B 383 -9.12 29.70 17.08
N ALA B 384 -8.02 28.97 16.87
CA ALA B 384 -7.89 27.57 17.30
C ALA B 384 -7.90 27.43 18.82
N ILE B 385 -7.19 28.31 19.51
CA ILE B 385 -7.20 28.32 20.96
C ILE B 385 -8.63 28.46 21.47
N LYS B 386 -9.34 29.44 20.93
CA LYS B 386 -10.69 29.78 21.35
C LYS B 386 -11.58 28.55 21.23
N GLY B 387 -11.40 27.82 20.13
CA GLY B 387 -12.10 26.57 19.88
C GLY B 387 -11.84 25.48 20.90
N VAL B 388 -10.57 25.17 21.14
CA VAL B 388 -10.18 24.15 22.11
C VAL B 388 -10.72 24.48 23.52
N PHE B 389 -10.66 25.74 23.91
CA PHE B 389 -11.19 26.22 25.19
C PHE B 389 -12.70 26.04 25.29
N ALA B 390 -13.39 26.40 24.20
CA ALA B 390 -14.85 26.35 24.15
C ALA B 390 -15.33 24.93 24.38
N VAL B 391 -14.66 23.99 23.71
CA VAL B 391 -14.92 22.56 23.87
C VAL B 391 -14.66 22.08 25.31
N ALA B 392 -13.52 22.46 25.88
CA ALA B 392 -13.15 22.10 27.24
C ALA B 392 -14.19 22.61 28.25
N ASP B 393 -14.68 23.82 27.99
CA ASP B 393 -15.69 24.46 28.83
C ASP B 393 -17.03 23.73 28.72
N GLU B 394 -17.31 23.18 27.55
CA GLU B 394 -18.58 22.54 27.26
C GLU B 394 -18.61 21.11 27.74
N TYR B 395 -17.64 20.30 27.31
CA TYR B 395 -17.54 18.89 27.71
C TYR B 395 -16.79 18.72 29.04
N ASN B 396 -16.47 19.85 29.66
CA ASN B 396 -15.97 19.89 31.05
C ASN B 396 -14.78 18.96 31.31
N VAL B 397 -13.72 19.14 30.52
CA VAL B 397 -12.52 18.29 30.63
C VAL B 397 -11.21 18.99 30.20
N THR B 398 -10.08 18.27 30.36
CA THR B 398 -8.74 18.79 30.11
C THR B 398 -8.58 19.35 28.72
N LEU B 399 -7.66 20.30 28.58
CA LEU B 399 -7.25 20.80 27.28
C LEU B 399 -6.72 19.70 26.35
N ARG B 400 -5.94 18.76 26.90
CA ARG B 400 -5.39 17.68 26.10
C ARG B 400 -6.49 16.81 25.54
N GLU B 401 -7.46 16.45 26.36
CA GLU B 401 -8.58 15.66 25.85
C GLU B 401 -9.58 16.50 25.04
N ALA B 402 -9.51 17.83 25.18
CA ALA B 402 -10.35 18.76 24.42
C ALA B 402 -9.88 18.94 22.98
N VAL B 403 -8.57 19.03 22.78
CA VAL B 403 -8.01 19.30 21.44
C VAL B 403 -8.28 18.16 20.46
N TYR B 404 -8.11 16.93 20.95
CA TYR B 404 -8.39 15.74 20.18
C TYR B 404 -9.86 15.69 19.84
N MET B 405 -10.70 16.06 20.82
CA MET B 405 -12.14 16.13 20.61
C MET B 405 -12.51 17.19 19.55
N TYR B 406 -11.84 18.34 19.62
CA TYR B 406 -12.00 19.42 18.63
C TYR B 406 -11.76 18.94 17.20
N ALA B 407 -10.67 18.20 17.01
CA ALA B 407 -10.32 17.62 15.71
C ALA B 407 -11.37 16.60 15.24
N ILE B 408 -11.66 15.60 16.06
CA ILE B 408 -12.66 14.59 15.70
C ILE B 408 -14.01 15.23 15.39
N LYS B 409 -14.44 16.19 16.22
CA LYS B 409 -15.76 16.79 16.06
C LYS B 409 -15.97 17.34 14.65
N SER B 410 -14.99 18.12 14.17
CA SER B 410 -15.14 18.69 12.85
C SER B 410 -14.92 17.67 11.73
N ILE B 411 -13.96 16.75 11.90
CA ILE B 411 -13.84 15.63 10.94
C ILE B 411 -15.17 14.84 10.88
N ASP B 412 -15.81 14.66 12.03
CA ASP B 412 -17.08 13.96 12.07
C ASP B 412 -18.10 14.61 11.14
N VAL B 413 -18.37 15.89 11.39
CA VAL B 413 -19.38 16.62 10.62
C VAL B 413 -19.19 16.34 9.13
N ALA B 414 -17.97 16.54 8.64
CA ALA B 414 -17.64 16.36 7.21
C ALA B 414 -17.97 14.95 6.67
N MET B 415 -17.45 13.92 7.32
CA MET B 415 -17.83 12.55 6.99
C MET B 415 -19.34 12.39 6.90
N LYS B 416 -20.10 12.92 7.88
CA LYS B 416 -21.57 12.80 7.82
C LYS B 416 -22.21 13.52 6.63
N LEU B 417 -21.76 14.75 6.37
CA LEU B 417 -22.29 15.58 5.30
C LEU B 417 -21.99 14.93 3.96
N ARG B 418 -20.78 14.40 3.85
CA ARG B 418 -20.29 13.80 2.62
C ARG B 418 -20.96 12.45 2.34
N GLY B 419 -21.63 11.91 3.37
CA GLY B 419 -22.35 10.66 3.28
C GLY B 419 -21.51 9.43 3.55
N TRP B 420 -20.44 9.57 4.33
CA TRP B 420 -19.55 8.42 4.58
C TRP B 420 -20.15 7.40 5.58
N TYR B 421 -21.21 7.83 6.28
CA TYR B 421 -21.97 6.98 7.18
C TYR B 421 -23.33 7.62 7.43
S SO4 C . -5.56 -13.94 -15.59
O1 SO4 C . -6.89 -14.63 -15.60
O2 SO4 C . -5.07 -13.66 -16.94
O3 SO4 C . -5.69 -12.65 -14.90
O4 SO4 C . -4.57 -14.77 -14.90
S SO4 D . -20.47 -16.62 -20.84
O1 SO4 D . -20.34 -17.52 -22.00
O2 SO4 D . -19.33 -15.69 -20.79
O3 SO4 D . -21.66 -15.73 -20.91
O4 SO4 D . -20.47 -17.47 -19.62
S SO4 E . 14.48 30.06 3.20
O1 SO4 E . 13.10 29.57 3.26
O2 SO4 E . 15.27 29.40 2.12
O3 SO4 E . 14.40 31.51 2.98
O4 SO4 E . 15.10 29.78 4.51
S SO4 F . 3.02 19.67 7.83
O1 SO4 F . 2.45 18.86 8.93
O2 SO4 F . 3.12 18.83 6.63
O3 SO4 F . 2.09 20.78 7.61
O4 SO4 F . 4.38 20.19 8.16
#